data_3KB8
#
_entry.id   3KB8
#
_cell.length_a   54.220
_cell.length_b   80.477
_cell.length_c   120.236
_cell.angle_alpha   90.00
_cell.angle_beta   101.24
_cell.angle_gamma   90.00
#
_symmetry.space_group_name_H-M   'P 1 21 1'
#
loop_
_entity.id
_entity.type
_entity.pdbx_description
1 polymer 'Hypoxanthine phosphoribosyltransferase'
2 branched beta-D-fructofuranose-(2-1)-alpha-D-glucopyranose
3 non-polymer 'PHOSPHATE ION'
4 non-polymer "GUANOSINE-5'-MONOPHOSPHATE"
5 non-polymer 'MAGNESIUM ION'
6 non-polymer GLYCEROL
7 water water
#
_entity_poly.entity_id   1
_entity_poly.type   'polypeptide(L)'
_entity_poly.pdbx_seq_one_letter_code
;MHHHHHHSSGVDLGTENLYFQSNAMMNQDIEKVLISEEQIQEKVLELGAIIAEDYKNTVPLAIGVLKGAMPFMADLLKRT
DTYLEMDFMAVSSYGHSTVSTGEVKILKDLDTSVEGRDILIVEDIIDSGLTLSYLVDLFKYRKAKSVKIVTLLDKPTGRK
VDLKADYVGFTVPHEFVVGYGLDYKEQYRNLPYVGVLKPSVYSN
;
_entity_poly.pdbx_strand_id   A,B,C,D
#
loop_
_chem_comp.id
_chem_comp.type
_chem_comp.name
_chem_comp.formula
5GP non-polymer GUANOSINE-5'-MONOPHOSPHATE 'C10 H14 N5 O8 P'
FRU D-saccharide, beta linking beta-D-fructofuranose 'C6 H12 O6'
GLC D-saccharide, alpha linking alpha-D-glucopyranose 'C6 H12 O6'
GOL non-polymer GLYCEROL 'C3 H8 O3'
MG non-polymer 'MAGNESIUM ION' 'Mg 2'
PO4 non-polymer 'PHOSPHATE ION' 'O4 P -3'
#
# COMPACT_ATOMS: atom_id res chain seq x y z
N MET A 1 -5.26 -35.10 -7.45
N MET A 1 -4.56 -35.11 -7.36
CA MET A 1 -4.83 -33.84 -8.14
CA MET A 1 -4.54 -33.84 -8.14
C MET A 1 -5.08 -32.67 -7.19
C MET A 1 -4.95 -32.71 -7.18
N HIS A 2 -4.60 -31.48 -7.55
CA HIS A 2 -4.92 -30.27 -6.74
C HIS A 2 -4.84 -29.05 -7.65
N HIS A 3 -5.69 -28.08 -7.36
CA HIS A 3 -5.74 -26.86 -8.15
C HIS A 3 -6.12 -25.70 -7.28
N HIS A 4 -5.80 -24.51 -7.76
CA HIS A 4 -6.13 -23.26 -7.09
C HIS A 4 -6.09 -22.20 -8.18
N HIS A 5 -6.45 -20.96 -7.83
CA HIS A 5 -6.35 -19.87 -8.80
C HIS A 5 -5.63 -18.72 -8.10
N HIS A 6 -4.90 -17.92 -8.87
CA HIS A 6 -4.27 -16.75 -8.29
C HIS A 6 -4.53 -15.54 -9.17
N HIS A 7 -4.15 -14.38 -8.68
CA HIS A 7 -4.28 -13.15 -9.43
C HIS A 7 -3.13 -13.03 -10.42
N SER A 8 -3.43 -12.45 -11.58
CA SER A 8 -2.46 -12.23 -12.63
C SER A 8 -2.85 -10.89 -13.27
N SER A 9 -1.91 -9.95 -13.29
CA SER A 9 -2.16 -8.60 -13.84
C SER A 9 -1.83 -8.46 -15.32
N GLY A 10 -2.24 -9.47 -16.10
CA GLY A 10 -2.05 -9.49 -17.54
C GLY A 10 -2.97 -10.55 -18.13
N VAL A 11 -4.24 -10.53 -17.72
CA VAL A 11 -5.25 -11.49 -18.16
C VAL A 11 -6.64 -10.86 -18.14
N GLY A 14 -8.48 -11.11 -14.76
CA GLY A 14 -7.07 -11.17 -14.39
C GLY A 14 -6.84 -12.34 -13.44
N THR A 15 -7.24 -13.54 -13.89
CA THR A 15 -7.14 -14.76 -13.11
C THR A 15 -6.54 -15.93 -13.87
N GLU A 16 -5.71 -16.70 -13.17
CA GLU A 16 -5.14 -17.94 -13.71
C GLU A 16 -5.53 -19.07 -12.76
N ASN A 17 -6.01 -20.18 -13.33
CA ASN A 17 -6.36 -21.40 -12.59
C ASN A 17 -5.20 -22.40 -12.78
N LEU A 18 -4.63 -22.89 -11.70
CA LEU A 18 -3.50 -23.81 -11.77
C LEU A 18 -3.90 -25.22 -11.29
N TYR A 19 -3.68 -26.21 -12.17
CA TYR A 19 -4.03 -27.63 -11.97
C TYR A 19 -2.77 -28.47 -11.89
N PHE A 20 -2.60 -29.15 -10.77
CA PHE A 20 -1.41 -29.96 -10.49
C PHE A 20 -1.74 -31.44 -10.27
N GLN A 21 -0.87 -32.33 -10.76
CA GLN A 21 -1.03 -33.76 -10.47
C GLN A 21 -0.39 -33.98 -9.10
N SER A 22 -0.94 -34.93 -8.35
CA SER A 22 -0.50 -35.20 -6.98
C SER A 22 0.99 -35.56 -6.86
N ASN A 23 1.59 -36.19 -7.87
CA ASN A 23 3.01 -36.53 -7.76
C ASN A 23 3.97 -35.73 -8.66
N ALA A 24 3.54 -34.57 -9.16
CA ALA A 24 4.45 -33.72 -9.97
C ALA A 24 5.51 -33.11 -9.05
N MET A 25 6.77 -33.11 -9.49
CA MET A 25 7.90 -32.60 -8.68
C MET A 25 8.63 -31.57 -9.50
N MET A 26 9.03 -30.50 -8.81
CA MET A 26 9.70 -29.38 -9.48
C MET A 26 10.87 -29.72 -10.35
N ASN A 27 11.78 -30.54 -9.85
CA ASN A 27 12.99 -30.92 -10.57
C ASN A 27 12.77 -31.54 -11.96
N GLN A 28 11.66 -32.25 -12.12
CA GLN A 28 11.33 -32.85 -13.41
C GLN A 28 10.90 -31.81 -14.43
N ASP A 29 10.63 -30.59 -13.97
CA ASP A 29 10.28 -29.52 -14.87
C ASP A 29 11.55 -28.78 -15.30
N ILE A 30 12.67 -29.06 -14.64
CA ILE A 30 13.95 -28.40 -14.95
C ILE A 30 14.73 -29.22 -15.93
N GLU A 31 15.07 -28.59 -17.05
CA GLU A 31 15.84 -29.25 -18.07
C GLU A 31 17.26 -29.48 -17.59
N LYS A 32 17.86 -28.43 -17.03
CA LYS A 32 19.23 -28.44 -16.52
C LYS A 32 19.42 -27.39 -15.43
N VAL A 33 20.32 -27.68 -14.48
CA VAL A 33 20.68 -26.71 -13.46
C VAL A 33 21.70 -25.73 -14.09
N LEU A 34 21.43 -24.43 -14.03
CA LEU A 34 22.34 -23.45 -14.63
C LEU A 34 23.41 -23.02 -13.63
N ILE A 35 22.96 -22.60 -12.44
CA ILE A 35 23.84 -22.15 -11.35
C ILE A 35 23.45 -22.95 -10.11
N SER A 36 24.30 -23.88 -9.72
CA SER A 36 24.00 -24.73 -8.57
C SER A 36 23.98 -23.94 -7.25
N GLU A 37 23.41 -24.54 -6.23
CA GLU A 37 23.37 -23.90 -4.91
C GLU A 37 24.78 -23.69 -4.42
N GLU A 38 25.65 -24.65 -4.66
CA GLU A 38 27.01 -24.51 -4.24
C GLU A 38 27.66 -23.27 -4.93
N GLN A 39 27.45 -23.08 -6.25
CA GLN A 39 28.00 -21.92 -6.96
C GLN A 39 27.43 -20.65 -6.35
N ILE A 40 26.14 -20.68 -6.10
CA ILE A 40 25.51 -19.51 -5.49
C ILE A 40 26.10 -19.20 -4.12
N GLN A 41 26.23 -20.21 -3.26
CA GLN A 41 26.79 -19.97 -1.91
C GLN A 41 28.16 -19.33 -1.98
N GLU A 42 28.98 -19.81 -2.92
CA GLU A 42 30.33 -19.28 -3.11
C GLU A 42 30.31 -17.84 -3.59
N LYS A 43 29.38 -17.52 -4.47
CA LYS A 43 29.26 -16.17 -5.02
C LYS A 43 28.78 -15.17 -3.98
N VAL A 44 27.77 -15.54 -3.19
CA VAL A 44 27.28 -14.60 -2.17
C VAL A 44 28.35 -14.38 -1.09
N LEU A 45 29.13 -15.40 -0.79
CA LEU A 45 30.21 -15.26 0.17
C LEU A 45 31.20 -14.21 -0.36
N GLU A 46 31.65 -14.39 -1.61
CA GLU A 46 32.58 -13.42 -2.22
C GLU A 46 31.98 -11.99 -2.30
N LEU A 47 30.75 -11.85 -2.79
CA LEU A 47 30.09 -10.51 -2.91
C LEU A 47 29.88 -9.79 -1.58
N GLY A 48 29.45 -10.56 -0.59
CA GLY A 48 29.22 -10.03 0.75
C GLY A 48 30.48 -9.46 1.35
N ALA A 49 31.62 -10.11 1.16
CA ALA A 49 32.88 -9.60 1.73
C ALA A 49 33.27 -8.32 0.99
N ILE A 50 33.02 -8.31 -0.31
CA ILE A 50 33.30 -7.11 -1.14
C ILE A 50 32.41 -5.93 -0.70
N ILE A 51 31.12 -6.19 -0.61
CA ILE A 51 30.19 -5.15 -0.17
C ILE A 51 30.49 -4.73 1.28
N ALA A 52 30.86 -5.66 2.15
CA ALA A 52 31.14 -5.31 3.53
C ALA A 52 32.33 -4.34 3.57
N GLU A 53 33.32 -4.56 2.71
CA GLU A 53 34.47 -3.69 2.60
C GLU A 53 34.11 -2.32 2.03
N ASP A 54 33.31 -2.32 0.96
CA ASP A 54 32.93 -1.06 0.34
C ASP A 54 32.06 -0.20 1.23
N TYR A 55 31.26 -0.81 2.10
CA TYR A 55 30.36 -0.05 2.95
C TYR A 55 30.83 -0.01 4.38
N LYS A 56 32.13 -0.13 4.58
CA LYS A 56 32.68 -0.16 5.93
C LYS A 56 32.47 1.12 6.72
N ASN A 57 32.46 2.28 6.05
CA ASN A 57 32.31 3.56 6.78
C ASN A 57 30.88 4.11 6.88
N THR A 58 29.87 3.36 6.43
CA THR A 58 28.53 3.90 6.49
C THR A 58 27.54 2.81 6.75
N VAL A 59 26.39 3.17 7.29
CA VAL A 59 25.29 2.24 7.53
C VAL A 59 24.32 2.34 6.35
N PRO A 60 24.48 1.48 5.33
CA PRO A 60 23.60 1.57 4.18
C PRO A 60 22.22 1.01 4.42
N LEU A 61 21.30 1.42 3.57
CA LEU A 61 19.95 0.91 3.58
C LEU A 61 19.87 -0.06 2.37
N ALA A 62 19.80 -1.36 2.66
CA ALA A 62 19.71 -2.40 1.64
C ALA A 62 18.23 -2.66 1.38
N ILE A 63 17.85 -2.52 0.12
CA ILE A 63 16.46 -2.61 -0.22
C ILE A 63 16.22 -3.67 -1.24
N GLY A 64 15.23 -4.49 -0.98
CA GLY A 64 14.88 -5.52 -1.93
C GLY A 64 13.53 -5.21 -2.55
N VAL A 65 13.45 -5.48 -3.85
CA VAL A 65 12.23 -5.31 -4.59
C VAL A 65 11.53 -6.66 -4.60
N LEU A 66 10.39 -6.70 -3.93
CA LEU A 66 9.61 -7.94 -3.83
C LEU A 66 9.10 -8.28 -5.23
N LYS A 67 8.88 -9.57 -5.54
CA LYS A 67 9.12 -10.70 -4.61
C LYS A 67 10.49 -11.41 -4.87
N GLY A 68 10.97 -11.32 -6.10
CA GLY A 68 12.14 -12.12 -6.51
C GLY A 68 13.50 -11.97 -5.91
N ALA A 69 13.72 -10.82 -5.33
CA ALA A 69 15.01 -10.55 -4.77
C ALA A 69 15.15 -11.16 -3.38
N MET A 70 14.07 -11.66 -2.80
CA MET A 70 14.12 -12.09 -1.40
C MET A 70 15.16 -13.18 -1.06
N PRO A 71 15.15 -14.33 -1.78
CA PRO A 71 16.15 -15.34 -1.42
C PRO A 71 17.62 -14.84 -1.52
N PHE A 72 17.95 -14.20 -2.63
CA PHE A 72 19.31 -13.69 -2.81
C PHE A 72 19.61 -12.64 -1.77
N MET A 73 18.68 -11.75 -1.50
CA MET A 73 18.95 -10.71 -0.50
C MET A 73 19.25 -11.28 0.88
N ALA A 74 18.42 -12.22 1.34
CA ALA A 74 18.67 -12.93 2.62
C ALA A 74 20.08 -13.60 2.66
N ASP A 75 20.47 -14.37 1.63
CA ASP A 75 21.77 -15.07 1.66
C ASP A 75 22.96 -14.11 1.53
N LEU A 76 22.80 -13.08 0.69
CA LEU A 76 23.85 -12.10 0.50
C LEU A 76 24.04 -11.28 1.77
N LEU A 77 22.95 -10.80 2.39
CA LEU A 77 23.15 -9.95 3.55
C LEU A 77 23.72 -10.69 4.74
N LYS A 78 23.44 -11.98 4.88
CA LYS A 78 24.01 -12.67 5.99
C LYS A 78 25.48 -13.01 5.81
N ARG A 79 26.00 -12.75 4.60
CA ARG A 79 27.41 -12.92 4.29
C ARG A 79 28.05 -11.55 4.23
N THR A 80 27.27 -10.53 4.54
CA THR A 80 27.77 -9.14 4.57
C THR A 80 27.95 -8.70 6.03
N ASP A 81 29.16 -8.82 6.52
CA ASP A 81 29.49 -8.50 7.91
C ASP A 81 29.80 -7.03 8.14
N THR A 82 28.76 -6.22 8.14
CA THR A 82 28.87 -4.82 8.41
C THR A 82 27.53 -4.33 8.88
N TYR A 83 27.53 -3.25 9.63
CA TYR A 83 26.28 -2.68 10.10
C TYR A 83 25.44 -2.23 8.89
N LEU A 84 24.17 -2.61 8.83
CA LEU A 84 23.32 -2.17 7.73
C LEU A 84 21.85 -2.32 8.15
N GLU A 85 20.96 -1.63 7.44
CA GLU A 85 19.50 -1.72 7.67
C GLU A 85 18.85 -2.33 6.43
N MET A 86 17.72 -3.01 6.65
CA MET A 86 16.99 -3.61 5.55
C MET A 86 15.62 -2.98 5.34
N ASP A 87 15.20 -2.86 4.10
CA ASP A 87 13.86 -2.34 3.85
C ASP A 87 13.42 -3.00 2.56
N PHE A 88 12.16 -2.82 2.22
CA PHE A 88 11.59 -3.51 1.09
C PHE A 88 10.59 -2.64 0.39
N MET A 89 10.50 -2.82 -0.93
CA MET A 89 9.52 -2.11 -1.71
C MET A 89 8.71 -3.08 -2.55
N ALA A 90 7.46 -2.70 -2.81
CA ALA A 90 6.56 -3.47 -3.63
C ALA A 90 5.99 -2.51 -4.66
N VAL A 91 5.95 -2.96 -5.89
CA VAL A 91 5.51 -2.14 -6.99
C VAL A 91 4.58 -2.93 -7.88
N SER A 92 3.85 -2.20 -8.74
CA SER A 92 2.87 -2.76 -9.64
C SER A 92 2.99 -2.08 -11.00
N SER A 93 2.71 -2.81 -12.07
CA SER A 93 2.82 -2.26 -13.42
C SER A 93 1.60 -1.39 -13.77
N TYR A 94 1.82 -0.32 -14.53
CA TYR A 94 0.69 0.52 -14.99
C TYR A 94 0.21 0.04 -16.37
N GLY A 95 0.83 -1.01 -16.90
CA GLY A 95 0.43 -1.55 -18.21
C GLY A 95 1.37 -1.06 -19.28
N HIS A 96 0.94 -1.13 -20.54
CA HIS A 96 1.77 -0.68 -21.67
C HIS A 96 2.76 0.46 -21.30
N SER A 97 2.37 1.38 -20.41
CA SER A 97 3.27 2.48 -20.00
C SER A 97 4.47 2.10 -19.10
N THR A 98 4.36 0.98 -18.37
CA THR A 98 5.47 0.48 -17.53
C THR A 98 6.47 -0.20 -18.46
N VAL A 99 5.91 -1.02 -19.35
CA VAL A 99 6.65 -1.70 -20.40
C VAL A 99 7.58 -0.74 -21.16
N SER A 100 7.07 0.46 -21.50
CA SER A 100 7.89 1.43 -22.25
C SER A 100 8.65 2.55 -21.49
N THR A 101 8.40 2.78 -20.19
CA THR A 101 9.13 3.85 -19.46
C THR A 101 9.76 3.43 -18.12
N GLY A 102 9.30 2.34 -17.56
CA GLY A 102 9.82 1.91 -16.27
C GLY A 102 8.98 2.35 -15.10
N GLU A 103 8.18 3.40 -15.29
CA GLU A 103 7.30 3.95 -14.25
C GLU A 103 6.36 2.87 -13.72
N VAL A 104 6.37 2.66 -12.41
CA VAL A 104 5.52 1.68 -11.76
C VAL A 104 4.77 2.31 -10.58
N LYS A 105 3.69 1.64 -10.17
CA LYS A 105 2.86 2.08 -9.04
C LYS A 105 3.52 1.63 -7.75
N ILE A 106 3.71 2.51 -6.79
CA ILE A 106 4.36 2.11 -5.53
C ILE A 106 3.26 1.51 -4.66
N LEU A 107 3.37 0.24 -4.32
CA LEU A 107 2.35 -0.41 -3.47
C LEU A 107 2.77 -0.40 -2.01
N LYS A 108 4.08 -0.49 -1.80
CA LYS A 108 4.71 -0.46 -0.49
C LYS A 108 5.96 0.39 -0.63
N ASP A 109 5.97 1.55 0.03
CA ASP A 109 7.14 2.45 -0.05
C ASP A 109 8.08 2.06 1.11
N LEU A 110 9.28 2.61 1.12
CA LEU A 110 10.18 2.33 2.20
C LEU A 110 9.62 2.85 3.55
N ASP A 111 10.00 2.17 4.63
CA ASP A 111 9.56 2.55 5.98
C ASP A 111 10.41 3.67 6.55
N THR A 112 11.48 4.07 5.88
CA THR A 112 12.31 5.14 6.34
C THR A 112 12.65 6.01 5.14
N SER A 113 13.11 7.22 5.43
CA SER A 113 13.43 8.18 4.38
C SER A 113 14.73 7.89 3.69
N VAL A 114 14.77 8.29 2.44
CA VAL A 114 15.91 8.09 1.60
C VAL A 114 16.94 9.21 1.75
N GLU A 115 16.50 10.41 2.15
CA GLU A 115 17.40 11.55 2.19
C GLU A 115 18.70 11.31 2.95
N GLY A 116 19.82 11.52 2.26
CA GLY A 116 21.15 11.37 2.87
C GLY A 116 21.63 9.95 3.10
N ARG A 117 20.88 8.95 2.66
CA ARG A 117 21.29 7.55 2.88
C ARG A 117 22.07 6.96 1.69
N ASP A 118 22.92 5.99 1.99
CA ASP A 118 23.60 5.21 0.96
C ASP A 118 22.69 4.00 0.72
N ILE A 119 22.07 3.97 -0.46
CA ILE A 119 21.11 2.93 -0.80
C ILE A 119 21.73 1.78 -1.59
N LEU A 120 21.48 0.55 -1.17
CA LEU A 120 21.98 -0.60 -1.92
C LEU A 120 20.74 -1.37 -2.33
N ILE A 121 20.45 -1.38 -3.63
CA ILE A 121 19.30 -2.11 -4.13
C ILE A 121 19.70 -3.52 -4.51
N VAL A 122 18.98 -4.49 -3.96
CA VAL A 122 19.25 -5.90 -4.21
C VAL A 122 18.19 -6.46 -5.14
N GLU A 123 18.65 -7.08 -6.23
CA GLU A 123 17.76 -7.57 -7.25
C GLU A 123 18.04 -9.00 -7.65
N ASP A 124 17.07 -9.62 -8.27
CA ASP A 124 17.21 -10.99 -8.77
C ASP A 124 17.77 -11.00 -10.19
N ILE A 125 17.21 -10.21 -11.07
CA ILE A 125 17.70 -10.22 -12.45
C ILE A 125 17.48 -8.86 -13.02
N ILE A 126 18.39 -8.38 -13.84
CA ILE A 126 18.18 -7.13 -14.56
C ILE A 126 18.25 -7.48 -16.07
N ASP A 127 17.24 -7.04 -16.82
CA ASP A 127 17.15 -7.32 -18.27
C ASP A 127 16.97 -5.98 -18.99
N SER A 128 15.73 -5.50 -19.14
CA SER A 128 15.51 -4.23 -19.82
C SER A 128 16.06 -3.14 -18.91
N GLY A 129 15.92 -3.32 -17.59
CA GLY A 129 16.40 -2.32 -16.64
C GLY A 129 15.49 -1.08 -16.47
N LEU A 130 14.45 -0.98 -17.25
CA LEU A 130 13.56 0.17 -17.18
C LEU A 130 13.00 0.46 -15.79
N THR A 131 12.37 -0.51 -15.18
CA THR A 131 11.79 -0.33 -13.87
C THR A 131 12.86 -0.03 -12.79
N LEU A 132 13.95 -0.77 -12.82
CA LEU A 132 14.97 -0.53 -11.82
C LEU A 132 15.58 0.86 -11.99
N SER A 133 15.74 1.30 -13.22
CA SER A 133 16.29 2.59 -13.50
C SER A 133 15.37 3.69 -12.92
N TYR A 134 14.06 3.51 -13.12
CA TYR A 134 13.05 4.40 -12.56
C TYR A 134 13.19 4.51 -11.02
N LEU A 135 13.43 3.37 -10.37
CA LEU A 135 13.56 3.34 -8.95
C LEU A 135 14.87 3.98 -8.50
N VAL A 136 15.96 3.72 -9.22
CA VAL A 136 17.25 4.38 -8.90
C VAL A 136 17.11 5.88 -8.92
N ASP A 137 16.58 6.43 -10.01
CA ASP A 137 16.45 7.89 -10.14
C ASP A 137 15.36 8.45 -9.22
N LEU A 138 14.39 7.62 -8.84
CA LEU A 138 13.46 8.03 -7.79
C LEU A 138 14.26 8.26 -6.48
N PHE A 139 15.15 7.35 -6.14
CA PHE A 139 15.95 7.50 -4.89
C PHE A 139 16.88 8.67 -4.98
N LYS A 140 17.40 8.96 -6.17
CA LYS A 140 18.23 10.16 -6.34
C LYS A 140 17.38 11.43 -6.21
N TYR A 141 16.20 11.42 -6.83
CA TYR A 141 15.27 12.56 -6.65
C TYR A 141 15.00 12.72 -5.12
N ARG A 142 14.88 11.61 -4.39
CA ARG A 142 14.70 11.67 -2.92
C ARG A 142 15.98 12.01 -2.15
N LYS A 143 17.00 12.45 -2.87
CA LYS A 143 18.27 12.90 -2.31
C LYS A 143 19.12 11.87 -1.57
N ALA A 144 19.10 10.62 -2.03
CA ALA A 144 20.00 9.59 -1.50
C ALA A 144 21.43 10.12 -1.62
N LYS A 145 22.32 9.73 -0.70
CA LYS A 145 23.73 10.09 -0.80
C LYS A 145 24.33 9.27 -1.97
N SER A 146 23.93 8.02 -2.12
CA SER A 146 24.46 7.19 -3.20
C SER A 146 23.46 6.07 -3.46
N VAL A 147 23.37 5.61 -4.68
CA VAL A 147 22.51 4.45 -5.01
C VAL A 147 23.38 3.46 -5.76
N LYS A 148 23.49 2.23 -5.28
CA LYS A 148 24.21 1.16 -5.98
C LYS A 148 23.27 -0.04 -6.11
N ILE A 149 23.59 -0.93 -7.04
CA ILE A 149 22.79 -2.11 -7.31
C ILE A 149 23.61 -3.38 -7.26
N VAL A 150 23.06 -4.39 -6.61
CA VAL A 150 23.63 -5.71 -6.61
C VAL A 150 22.55 -6.64 -7.16
N THR A 151 22.86 -7.35 -8.24
CA THR A 151 21.89 -8.29 -8.81
C THR A 151 22.53 -9.66 -8.89
N LEU A 152 21.75 -10.69 -8.63
CA LEU A 152 22.21 -12.07 -8.74
C LEU A 152 22.55 -12.40 -10.18
N LEU A 153 21.63 -12.05 -11.07
CA LEU A 153 21.73 -12.33 -12.47
C LEU A 153 21.64 -11.07 -13.31
N ASP A 154 22.41 -11.02 -14.39
CA ASP A 154 22.36 -9.87 -15.32
C ASP A 154 22.26 -10.34 -16.80
N LYS A 155 21.38 -9.70 -17.59
CA LYS A 155 21.28 -9.98 -19.04
C LYS A 155 21.53 -8.63 -19.64
N PRO A 156 22.79 -8.22 -19.62
CA PRO A 156 23.05 -6.82 -19.99
C PRO A 156 22.79 -6.41 -21.43
N THR A 157 22.64 -7.36 -22.35
CA THR A 157 22.40 -6.96 -23.74
C THR A 157 20.89 -6.82 -23.97
N GLY A 158 20.08 -7.12 -22.95
CA GLY A 158 18.65 -6.93 -23.05
C GLY A 158 18.27 -5.49 -22.67
N ARG A 159 19.23 -4.63 -22.35
CA ARG A 159 18.90 -3.28 -21.87
C ARG A 159 18.09 -2.38 -22.81
N LYS A 160 17.10 -1.71 -22.21
CA LYS A 160 16.31 -0.71 -22.93
C LYS A 160 16.65 0.69 -22.41
N VAL A 161 17.58 0.76 -21.46
CA VAL A 161 18.04 2.03 -20.87
C VAL A 161 19.46 1.73 -20.36
N ASP A 162 20.30 2.73 -20.22
CA ASP A 162 21.63 2.46 -19.74
C ASP A 162 21.53 2.28 -18.23
N LEU A 163 22.04 1.15 -17.73
CA LEU A 163 22.02 0.86 -16.30
C LEU A 163 23.04 -0.27 -16.07
N LYS A 164 24.19 0.09 -15.54
CA LYS A 164 25.24 -0.88 -15.24
C LYS A 164 25.09 -1.22 -13.75
N ALA A 165 24.93 -2.49 -13.42
CA ALA A 165 24.79 -2.86 -12.00
C ALA A 165 26.18 -2.79 -11.33
N ASP A 166 26.27 -2.30 -10.11
CA ASP A 166 27.60 -2.19 -9.48
C ASP A 166 28.18 -3.56 -9.14
N TYR A 167 27.32 -4.52 -8.85
CA TYR A 167 27.75 -5.87 -8.51
C TYR A 167 26.76 -6.84 -9.16
N VAL A 168 27.30 -7.93 -9.71
CA VAL A 168 26.53 -8.93 -10.40
C VAL A 168 27.05 -10.27 -10.02
N GLY A 169 26.15 -11.20 -9.77
CA GLY A 169 26.52 -12.56 -9.46
C GLY A 169 26.95 -13.31 -10.71
N PHE A 170 26.03 -13.51 -11.64
CA PHE A 170 26.28 -14.22 -12.84
C PHE A 170 25.64 -13.55 -14.04
N THR A 171 26.37 -13.55 -15.15
CA THR A 171 25.85 -13.05 -16.37
C THR A 171 25.14 -14.24 -17.04
N VAL A 172 23.84 -14.08 -17.35
CA VAL A 172 23.05 -15.12 -17.98
C VAL A 172 22.90 -14.92 -19.53
N PRO A 173 23.05 -16.00 -20.29
CA PRO A 173 22.89 -15.96 -21.73
C PRO A 173 21.41 -16.16 -22.15
N HIS A 174 21.22 -16.82 -23.29
CA HIS A 174 19.90 -17.09 -23.86
C HIS A 174 19.21 -18.32 -23.28
N GLU A 175 18.61 -18.15 -22.11
N GLU A 175 18.60 -18.15 -22.11
CA GLU A 175 17.81 -19.20 -21.46
CA GLU A 175 17.87 -19.23 -21.45
C GLU A 175 16.80 -18.58 -20.52
C GLU A 175 16.85 -18.67 -20.45
N PHE A 176 15.63 -19.22 -20.47
CA PHE A 176 14.62 -18.79 -19.54
C PHE A 176 14.89 -19.58 -18.25
N VAL A 177 15.18 -18.86 -17.18
CA VAL A 177 15.51 -19.51 -15.94
C VAL A 177 14.46 -19.26 -14.84
N VAL A 178 14.48 -20.16 -13.87
CA VAL A 178 13.61 -20.06 -12.70
C VAL A 178 14.42 -20.53 -11.53
N GLY A 179 13.88 -20.34 -10.32
CA GLY A 179 14.57 -20.74 -9.10
C GLY A 179 15.22 -19.56 -8.38
N TYR A 180 15.42 -19.72 -7.08
CA TYR A 180 16.11 -18.76 -6.23
C TYR A 180 15.52 -17.36 -6.36
N GLY A 181 14.19 -17.30 -6.25
CA GLY A 181 13.40 -16.07 -6.34
C GLY A 181 12.68 -15.90 -7.67
N LEU A 182 13.31 -16.33 -8.75
CA LEU A 182 12.70 -16.25 -10.09
C LEU A 182 11.60 -17.31 -10.28
N ASP A 183 10.47 -16.86 -10.83
CA ASP A 183 9.30 -17.70 -11.04
C ASP A 183 8.89 -17.92 -12.48
N TYR A 184 7.97 -18.87 -12.62
CA TYR A 184 7.20 -19.07 -13.84
C TYR A 184 5.76 -19.27 -13.32
N LYS A 185 4.87 -18.32 -13.62
CA LYS A 185 3.49 -18.35 -13.16
C LYS A 185 3.44 -18.55 -11.61
N GLU A 186 4.29 -17.82 -10.90
CA GLU A 186 4.39 -17.82 -9.43
C GLU A 186 5.01 -19.08 -8.75
N GLN A 187 5.35 -20.09 -9.55
CA GLN A 187 5.96 -21.30 -9.04
C GLN A 187 7.48 -21.23 -9.22
N TYR A 188 8.19 -22.15 -8.54
CA TYR A 188 9.67 -22.31 -8.62
C TYR A 188 10.55 -21.34 -7.89
N ARG A 189 9.96 -20.32 -7.28
CA ARG A 189 10.78 -19.34 -6.57
C ARG A 189 11.59 -19.99 -5.46
N ASN A 190 11.08 -21.09 -4.89
CA ASN A 190 11.71 -21.77 -3.73
C ASN A 190 12.86 -22.74 -4.06
N LEU A 191 13.16 -22.95 -5.35
CA LEU A 191 14.31 -23.78 -5.69
C LEU A 191 15.54 -23.15 -5.13
N PRO A 192 16.47 -23.98 -4.58
CA PRO A 192 17.71 -23.46 -4.04
C PRO A 192 18.79 -23.29 -5.10
N TYR A 193 18.44 -23.38 -6.37
CA TYR A 193 19.42 -23.18 -7.48
C TYR A 193 18.69 -22.50 -8.59
N VAL A 194 19.44 -22.11 -9.62
CA VAL A 194 18.84 -21.50 -10.80
C VAL A 194 18.82 -22.56 -11.88
N GLY A 195 17.63 -22.82 -12.41
CA GLY A 195 17.47 -23.85 -13.41
C GLY A 195 16.86 -23.34 -14.69
N VAL A 196 17.09 -24.11 -15.75
CA VAL A 196 16.54 -23.85 -17.05
C VAL A 196 15.26 -24.67 -17.11
N LEU A 197 14.17 -23.99 -17.33
CA LEU A 197 12.89 -24.64 -17.36
C LEU A 197 12.70 -25.29 -18.70
N LYS A 198 12.19 -26.52 -18.69
CA LYS A 198 11.91 -27.23 -19.94
C LYS A 198 10.91 -26.43 -20.79
N PRO A 199 11.19 -26.28 -22.10
CA PRO A 199 10.31 -25.57 -23.02
C PRO A 199 8.84 -26.01 -23.00
N SER A 200 8.61 -27.30 -22.76
CA SER A 200 7.26 -27.82 -22.71
C SER A 200 6.46 -27.22 -21.57
N VAL A 201 7.13 -26.78 -20.49
CA VAL A 201 6.42 -26.18 -19.39
C VAL A 201 5.83 -24.83 -19.80
N TYR A 202 6.62 -23.99 -20.47
CA TYR A 202 6.11 -22.66 -20.85
C TYR A 202 5.48 -22.50 -22.24
N SER A 203 5.35 -23.60 -22.99
CA SER A 203 4.69 -23.54 -24.32
C SER A 203 5.67 -23.66 -25.48
N GLU B 16 24.27 17.09 8.84
CA GLU B 16 23.61 16.93 10.17
C GLU B 16 23.85 15.56 10.86
N ASN B 17 23.89 14.45 10.11
CA ASN B 17 24.16 13.13 10.71
C ASN B 17 25.61 12.64 10.45
N LEU B 18 26.31 12.27 11.52
CA LEU B 18 27.71 11.80 11.46
C LEU B 18 27.74 10.39 12.06
N TYR B 19 28.47 9.49 11.42
N TYR B 19 28.45 9.49 11.38
CA TYR B 19 28.50 8.11 11.84
CA TYR B 19 28.52 8.07 11.76
C TYR B 19 29.90 7.59 12.11
C TYR B 19 29.92 7.58 12.11
N PHE B 20 30.05 6.93 13.27
CA PHE B 20 31.35 6.38 13.74
C PHE B 20 31.28 4.89 14.10
N GLN B 21 31.84 4.07 13.21
CA GLN B 21 31.89 2.64 13.37
C GLN B 21 33.33 2.19 13.58
N SER B 22 34.26 3.01 13.09
CA SER B 22 35.66 2.72 13.30
C SER B 22 35.80 1.33 12.78
N ASN B 23 36.63 0.50 13.40
CA ASN B 23 36.69 -0.91 12.94
C ASN B 23 35.75 -1.82 13.72
N ALA B 24 34.68 -1.25 14.28
CA ALA B 24 33.68 -2.00 15.03
C ALA B 24 33.05 -3.11 14.18
N MET B 25 32.84 -4.26 14.81
CA MET B 25 32.20 -5.39 14.15
C MET B 25 31.02 -5.78 15.05
N MET B 26 29.98 -6.34 14.44
CA MET B 26 28.78 -6.71 15.17
C MET B 26 29.03 -7.76 16.23
N ASN B 27 29.97 -8.67 15.98
CA ASN B 27 30.25 -9.72 16.94
C ASN B 27 30.70 -9.18 18.27
N GLN B 28 31.34 -8.02 18.26
CA GLN B 28 31.82 -7.37 19.46
C GLN B 28 30.67 -6.88 20.32
N ASP B 29 29.47 -6.79 19.75
CA ASP B 29 28.29 -6.37 20.48
C ASP B 29 27.48 -7.56 21.04
N ILE B 30 27.84 -8.76 20.60
CA ILE B 30 27.14 -9.97 21.02
C ILE B 30 27.84 -10.59 22.21
N GLU B 31 27.09 -10.76 23.31
CA GLU B 31 27.57 -11.40 24.52
C GLU B 31 27.71 -12.87 24.22
N LYS B 32 26.68 -13.47 23.61
CA LYS B 32 26.75 -14.87 23.21
C LYS B 32 25.88 -15.23 22.02
N VAL B 33 26.35 -16.20 21.26
CA VAL B 33 25.57 -16.74 20.14
C VAL B 33 24.62 -17.76 20.73
N LEU B 34 23.32 -17.47 20.72
CA LEU B 34 22.33 -18.38 21.27
C LEU B 34 22.03 -19.57 20.34
N ILE B 35 21.81 -19.28 19.07
CA ILE B 35 21.52 -20.31 18.09
C ILE B 35 22.44 -20.01 16.95
N SER B 36 23.39 -20.91 16.74
CA SER B 36 24.38 -20.71 15.71
C SER B 36 23.83 -20.94 14.30
N GLU B 37 24.57 -20.50 13.31
CA GLU B 37 24.12 -20.70 11.95
C GLU B 37 23.90 -22.18 11.67
N GLU B 38 24.85 -23.03 12.09
CA GLU B 38 24.77 -24.47 11.89
C GLU B 38 23.49 -25.06 12.51
N GLN B 39 23.18 -24.63 13.74
CA GLN B 39 21.94 -25.06 14.41
C GLN B 39 20.72 -24.63 13.63
N ILE B 40 20.72 -23.37 13.21
CA ILE B 40 19.57 -22.90 12.43
C ILE B 40 19.42 -23.71 11.14
N GLN B 41 20.51 -23.93 10.42
CA GLN B 41 20.37 -24.65 9.15
C GLN B 41 19.91 -26.12 9.26
N GLU B 42 20.24 -26.76 10.35
CA GLU B 42 19.84 -28.16 10.56
C GLU B 42 18.35 -28.21 10.86
N LYS B 43 17.87 -27.28 11.67
CA LYS B 43 16.43 -27.23 12.00
C LYS B 43 15.59 -26.78 10.78
N VAL B 44 16.10 -25.82 10.03
CA VAL B 44 15.40 -25.38 8.82
C VAL B 44 15.29 -26.52 7.81
N LEU B 45 16.31 -27.35 7.75
CA LEU B 45 16.25 -28.48 6.82
C LEU B 45 15.18 -29.49 7.26
N GLU B 46 15.16 -29.83 8.56
CA GLU B 46 14.14 -30.73 9.10
C GLU B 46 12.76 -30.17 8.86
N LEU B 47 12.56 -28.89 9.12
CA LEU B 47 11.23 -28.28 8.95
C LEU B 47 10.78 -28.29 7.51
N GLY B 48 11.70 -27.95 6.60
CA GLY B 48 11.41 -27.96 5.18
C GLY B 48 10.92 -29.32 4.70
N ALA B 49 11.57 -30.39 5.17
CA ALA B 49 11.15 -31.76 4.83
C ALA B 49 9.76 -32.10 5.40
N ILE B 50 9.49 -31.74 6.65
CA ILE B 50 8.17 -31.98 7.21
C ILE B 50 7.05 -31.20 6.44
N ILE B 51 7.29 -29.93 6.19
CA ILE B 51 6.34 -29.10 5.46
C ILE B 51 6.09 -29.63 4.05
N ALA B 52 7.17 -30.03 3.36
CA ALA B 52 7.04 -30.54 2.02
C ALA B 52 6.08 -31.73 2.04
N GLU B 53 6.24 -32.60 3.04
CA GLU B 53 5.40 -33.79 3.16
C GLU B 53 3.95 -33.41 3.53
N ASP B 54 3.80 -32.55 4.52
CA ASP B 54 2.48 -32.09 4.88
C ASP B 54 1.75 -31.41 3.74
N TYR B 55 2.47 -30.72 2.85
CA TYR B 55 1.82 -29.98 1.78
C TYR B 55 1.90 -30.62 0.38
N LYS B 56 2.13 -31.93 0.36
CA LYS B 56 2.22 -32.79 -0.84
C LYS B 56 1.14 -32.63 -1.87
N ASN B 57 -0.08 -32.59 -1.33
CA ASN B 57 -1.31 -32.51 -2.10
C ASN B 57 -1.89 -31.10 -2.35
N THR B 58 -1.07 -30.05 -2.25
CA THR B 58 -1.59 -28.71 -2.47
C THR B 58 -0.48 -27.76 -2.74
N VAL B 59 -0.81 -26.64 -3.37
CA VAL B 59 0.16 -25.61 -3.61
C VAL B 59 -0.16 -24.47 -2.66
N PRO B 60 0.51 -24.43 -1.50
CA PRO B 60 0.21 -23.38 -0.55
C PRO B 60 0.74 -22.00 -0.88
N LEU B 61 0.13 -21.00 -0.26
CA LEU B 61 0.59 -19.65 -0.37
C LEU B 61 1.36 -19.41 0.93
N ALA B 62 2.69 -19.26 0.82
CA ALA B 62 3.53 -19.02 1.96
C ALA B 62 3.69 -17.54 2.07
N ILE B 63 3.36 -17.02 3.24
CA ILE B 63 3.32 -15.60 3.48
C ILE B 63 4.26 -15.20 4.55
N GLY B 64 5.11 -14.27 4.24
CA GLY B 64 6.01 -13.76 5.24
C GLY B 64 5.56 -12.40 5.65
N VAL B 65 5.66 -12.12 6.95
CA VAL B 65 5.36 -10.81 7.50
C VAL B 65 6.69 -10.06 7.60
N LEU B 66 6.80 -9.01 6.80
CA LEU B 66 7.97 -8.17 6.75
C LEU B 66 8.14 -7.48 8.13
N LYS B 67 9.36 -7.16 8.56
CA LYS B 67 10.61 -7.37 7.82
C LYS B 67 11.37 -8.60 8.33
N GLY B 68 11.16 -8.93 9.62
CA GLY B 68 11.95 -9.94 10.30
C GLY B 68 11.93 -11.38 9.89
N ALA B 69 10.87 -11.77 9.24
CA ALA B 69 10.70 -13.12 8.79
C ALA B 69 11.46 -13.48 7.56
N MET B 70 12.06 -12.49 6.88
CA MET B 70 12.66 -12.76 5.57
C MET B 70 13.82 -13.74 5.51
N PRO B 71 14.90 -13.51 6.31
CA PRO B 71 15.97 -14.51 6.24
C PRO B 71 15.48 -15.93 6.47
N PHE B 72 14.66 -16.16 7.50
CA PHE B 72 14.13 -17.50 7.79
C PHE B 72 13.26 -18.00 6.68
N MET B 73 12.41 -17.14 6.15
CA MET B 73 11.56 -17.61 5.04
C MET B 73 12.35 -18.07 3.83
N ALA B 74 13.38 -17.31 3.44
CA ALA B 74 14.22 -17.69 2.31
C ALA B 74 14.87 -19.09 2.54
N ASP B 75 15.51 -19.28 3.69
CA ASP B 75 16.18 -20.57 3.97
C ASP B 75 15.17 -21.71 4.11
N LEU B 76 14.04 -21.48 4.77
CA LEU B 76 13.05 -22.56 4.93
C LEU B 76 12.46 -23.01 3.59
N LEU B 77 12.00 -22.06 2.78
CA LEU B 77 11.43 -22.43 1.50
C LEU B 77 12.42 -23.09 0.55
N LYS B 78 13.68 -22.68 0.58
CA LYS B 78 14.71 -23.34 -0.21
C LYS B 78 14.86 -24.82 0.14
N ARG B 79 14.42 -25.21 1.32
CA ARG B 79 14.50 -26.58 1.82
C ARG B 79 13.14 -27.29 1.79
N THR B 80 12.18 -26.65 1.13
CA THR B 80 10.84 -27.20 1.03
C THR B 80 10.66 -27.50 -0.45
N ASP B 81 10.84 -28.77 -0.78
CA ASP B 81 10.73 -29.26 -2.15
C ASP B 81 9.31 -29.62 -2.57
N THR B 82 8.50 -28.60 -2.83
CA THR B 82 7.15 -28.83 -3.23
C THR B 82 6.70 -27.55 -3.89
N TYR B 83 5.74 -27.65 -4.79
CA TYR B 83 5.23 -26.49 -5.46
C TYR B 83 4.56 -25.57 -4.43
N LEU B 84 4.84 -24.28 -4.54
CA LEU B 84 4.28 -23.33 -3.60
C LEU B 84 4.48 -21.94 -4.15
N GLU B 85 3.69 -21.00 -3.64
CA GLU B 85 3.78 -19.61 -4.07
C GLU B 85 4.21 -18.79 -2.88
N MET B 86 4.98 -17.73 -3.13
CA MET B 86 5.39 -16.85 -2.03
C MET B 86 4.64 -15.52 -2.05
N ASP B 87 4.42 -14.92 -0.89
CA ASP B 87 3.80 -13.62 -0.85
C ASP B 87 4.20 -12.95 0.44
N PHE B 88 3.96 -11.66 0.53
CA PHE B 88 4.41 -10.92 1.70
C PHE B 88 3.41 -9.88 2.11
N MET B 89 3.42 -9.58 3.40
CA MET B 89 2.55 -8.55 3.91
C MET B 89 3.31 -7.61 4.76
N ALA B 90 2.84 -6.37 4.80
CA ALA B 90 3.40 -5.31 5.62
C ALA B 90 2.28 -4.74 6.47
N VAL B 91 2.57 -4.52 7.74
CA VAL B 91 1.57 -4.01 8.64
C VAL B 91 2.21 -3.02 9.60
N SER B 92 1.37 -2.22 10.26
CA SER B 92 1.83 -1.25 11.25
C SER B 92 0.81 -1.12 12.36
N SER B 93 1.30 -0.71 13.53
CA SER B 93 0.46 -0.59 14.68
C SER B 93 -0.48 0.61 14.66
N TYR B 94 -1.61 0.42 15.33
CA TYR B 94 -2.60 1.47 15.56
C TYR B 94 -2.36 2.06 16.98
N GLY B 95 -1.70 1.33 17.88
CA GLY B 95 -1.33 1.83 19.24
C GLY B 95 -2.10 1.44 20.50
N HIS B 96 -3.41 1.25 20.36
CA HIS B 96 -4.31 0.86 21.47
C HIS B 96 -4.93 -0.51 21.18
N SER B 97 -5.61 -0.61 20.04
CA SER B 97 -6.26 -1.86 19.58
C SER B 97 -5.23 -2.93 19.18
N THR B 98 -4.01 -2.49 18.85
CA THR B 98 -2.93 -3.41 18.45
C THR B 98 -2.38 -4.01 19.74
N VAL B 99 -2.02 -3.14 20.67
CA VAL B 99 -1.52 -3.56 21.97
C VAL B 99 -2.48 -4.53 22.67
N SER B 100 -3.80 -4.36 22.48
CA SER B 100 -4.80 -5.22 23.14
C SER B 100 -5.65 -6.15 22.28
N THR B 101 -5.68 -6.01 20.96
CA THR B 101 -6.48 -6.94 20.14
C THR B 101 -5.65 -7.47 18.97
N GLY B 102 -4.51 -6.84 18.71
CA GLY B 102 -3.67 -7.27 17.61
C GLY B 102 -4.03 -6.64 16.27
N GLU B 103 -5.09 -5.86 16.24
CA GLU B 103 -5.54 -5.20 15.01
C GLU B 103 -4.41 -4.34 14.51
N VAL B 104 -4.08 -4.48 13.24
CA VAL B 104 -3.00 -3.66 12.65
C VAL B 104 -3.45 -3.09 11.34
N LYS B 105 -2.76 -2.04 10.93
CA LYS B 105 -3.04 -1.38 9.65
C LYS B 105 -2.33 -2.19 8.55
N ILE B 106 -3.02 -2.58 7.49
CA ILE B 106 -2.38 -3.30 6.40
C ILE B 106 -1.68 -2.26 5.48
N LEU B 107 -0.37 -2.33 5.35
CA LEU B 107 0.39 -1.38 4.51
C LEU B 107 0.65 -1.99 3.13
N LYS B 108 0.79 -3.30 3.10
CA LYS B 108 0.88 -4.06 1.89
C LYS B 108 0.09 -5.33 2.08
N ASP B 109 -1.00 -5.46 1.34
CA ASP B 109 -1.82 -6.66 1.38
C ASP B 109 -1.22 -7.71 0.41
N LEU B 110 -1.79 -8.89 0.42
CA LEU B 110 -1.33 -9.94 -0.46
C LEU B 110 -1.57 -9.58 -1.93
N ASP B 111 -0.75 -10.12 -2.82
CA ASP B 111 -0.92 -9.85 -4.25
C ASP B 111 -1.90 -10.81 -4.96
N THR B 112 -2.47 -11.73 -4.20
CA THR B 112 -3.46 -12.65 -4.73
C THR B 112 -4.49 -12.91 -3.64
N SER B 113 -5.59 -13.54 -4.01
CA SER B 113 -6.66 -13.82 -3.07
C SER B 113 -6.40 -15.00 -2.17
N VAL B 114 -7.00 -14.93 -1.00
CA VAL B 114 -6.85 -15.96 0.00
C VAL B 114 -7.89 -17.09 -0.14
N GLU B 115 -9.04 -16.77 -0.70
CA GLU B 115 -10.16 -17.73 -0.87
C GLU B 115 -9.72 -19.07 -1.43
N GLY B 116 -10.04 -20.14 -0.72
CA GLY B 116 -9.68 -21.49 -1.17
C GLY B 116 -8.18 -21.83 -1.08
N ARG B 117 -7.34 -20.94 -0.57
CA ARG B 117 -5.91 -21.30 -0.49
C ARG B 117 -5.55 -21.87 0.89
N ASP B 118 -4.52 -22.72 0.89
CA ASP B 118 -3.92 -23.23 2.11
C ASP B 118 -2.80 -22.21 2.39
N ILE B 119 -2.96 -21.45 3.46
CA ILE B 119 -2.03 -20.40 3.83
C ILE B 119 -0.99 -20.86 4.85
N LEU B 120 0.29 -20.63 4.56
CA LEU B 120 1.34 -20.95 5.53
C LEU B 120 2.03 -19.63 5.88
N ILE B 121 1.82 -19.17 7.10
CA ILE B 121 2.40 -17.91 7.57
C ILE B 121 3.76 -18.19 8.20
N VAL B 122 4.79 -17.58 7.62
CA VAL B 122 6.17 -17.74 8.06
C VAL B 122 6.56 -16.54 8.94
N GLU B 123 6.97 -16.83 10.17
CA GLU B 123 7.26 -15.84 11.16
C GLU B 123 8.63 -15.98 11.82
N ASP B 124 9.13 -14.87 12.35
CA ASP B 124 10.43 -14.89 13.05
C ASP B 124 10.29 -15.39 14.49
N ILE B 125 9.42 -14.76 15.26
CA ILE B 125 9.21 -15.12 16.64
C ILE B 125 7.77 -14.78 16.99
N ILE B 126 7.20 -15.57 17.86
CA ILE B 126 5.84 -15.36 18.34
C ILE B 126 6.01 -15.15 19.84
N ASP B 127 5.55 -14.01 20.36
CA ASP B 127 5.67 -13.62 21.77
C ASP B 127 4.25 -13.50 22.34
N SER B 128 3.62 -12.32 22.22
CA SER B 128 2.25 -12.19 22.69
C SER B 128 1.34 -12.95 21.74
N GLY B 129 1.68 -12.93 20.44
CA GLY B 129 0.86 -13.60 19.44
C GLY B 129 -0.41 -12.82 19.06
N LEU B 130 -0.56 -11.61 19.57
CA LEU B 130 -1.77 -10.83 19.28
C LEU B 130 -1.91 -10.48 17.78
N THR B 131 -0.87 -9.96 17.17
CA THR B 131 -0.99 -9.58 15.79
C THR B 131 -1.16 -10.80 14.87
N LEU B 132 -0.37 -11.83 15.15
CA LEU B 132 -0.44 -13.03 14.37
C LEU B 132 -1.84 -13.69 14.43
N SER B 133 -2.44 -13.64 15.61
CA SER B 133 -3.75 -14.18 15.84
C SER B 133 -4.73 -13.40 15.01
N TYR B 134 -4.58 -12.08 15.01
CA TYR B 134 -5.43 -11.21 14.17
C TYR B 134 -5.34 -11.60 12.67
N LEU B 135 -4.11 -11.83 12.20
CA LEU B 135 -3.87 -12.19 10.80
C LEU B 135 -4.43 -13.55 10.45
N VAL B 136 -4.23 -14.53 11.33
CA VAL B 136 -4.76 -15.88 11.10
C VAL B 136 -6.26 -15.83 10.91
N ASP B 137 -6.95 -15.10 11.78
CA ASP B 137 -8.41 -15.03 11.71
C ASP B 137 -8.88 -14.14 10.55
N LEU B 138 -8.07 -13.17 10.18
CA LEU B 138 -8.32 -12.40 8.97
C LEU B 138 -8.34 -13.36 7.76
N PHE B 139 -7.33 -14.21 7.66
CA PHE B 139 -7.23 -15.17 6.56
C PHE B 139 -8.40 -16.15 6.60
N LYS B 140 -8.82 -16.58 7.79
CA LYS B 140 -10.02 -17.41 7.90
C LYS B 140 -11.26 -16.66 7.40
N TYR B 141 -11.39 -15.39 7.76
CA TYR B 141 -12.51 -14.57 7.31
C TYR B 141 -12.44 -14.45 5.78
N ARG B 142 -11.23 -14.40 5.23
CA ARG B 142 -11.05 -14.32 3.77
C ARG B 142 -11.24 -15.69 3.08
N LYS B 143 -11.73 -16.67 3.84
CA LYS B 143 -12.08 -18.04 3.37
C LYS B 143 -10.94 -18.92 2.93
N ALA B 144 -9.84 -18.85 3.66
CA ALA B 144 -8.68 -19.74 3.41
C ALA B 144 -9.19 -21.14 3.59
N LYS B 145 -8.62 -22.09 2.84
CA LYS B 145 -8.98 -23.47 3.03
C LYS B 145 -8.33 -23.93 4.38
N SER B 146 -7.11 -23.49 4.63
CA SER B 146 -6.45 -23.78 5.89
C SER B 146 -5.46 -22.65 6.19
N VAL B 147 -5.15 -22.46 7.47
CA VAL B 147 -4.13 -21.48 7.84
C VAL B 147 -3.22 -22.17 8.83
N LYS B 148 -1.92 -22.20 8.56
CA LYS B 148 -0.98 -22.74 9.53
C LYS B 148 0.17 -21.76 9.70
N ILE B 149 0.87 -21.91 10.83
CA ILE B 149 2.02 -21.08 11.15
C ILE B 149 3.30 -21.85 11.38
N VAL B 150 4.39 -21.40 10.73
CA VAL B 150 5.72 -21.87 11.01
C VAL B 150 6.52 -20.65 11.55
N THR B 151 7.15 -20.81 12.71
CA THR B 151 7.94 -19.75 13.34
C THR B 151 9.29 -20.30 13.71
N LEU B 152 10.33 -19.50 13.47
CA LEU B 152 11.65 -19.94 13.79
C LEU B 152 11.78 -20.01 15.32
N LEU B 153 11.28 -18.98 16.00
CA LEU B 153 11.40 -18.91 17.43
C LEU B 153 10.05 -18.80 18.08
N ASP B 154 9.96 -19.32 19.28
CA ASP B 154 8.72 -19.25 20.03
C ASP B 154 9.06 -18.86 21.48
N LYS B 155 8.31 -17.88 22.02
CA LYS B 155 8.48 -17.38 23.40
C LYS B 155 7.09 -17.52 23.97
N PRO B 156 6.67 -18.77 24.24
CA PRO B 156 5.27 -19.01 24.63
C PRO B 156 4.88 -18.52 26.01
N THR B 157 5.86 -18.24 26.87
CA THR B 157 5.53 -17.73 28.19
C THR B 157 4.94 -16.32 28.04
N GLY B 158 5.26 -15.62 26.95
CA GLY B 158 4.79 -14.26 26.73
C GLY B 158 3.40 -14.03 26.14
N ARG B 159 2.68 -15.11 25.86
CA ARG B 159 1.35 -15.02 25.23
C ARG B 159 0.27 -14.14 25.90
N LYS B 160 -0.56 -13.52 25.06
CA LYS B 160 -1.71 -12.73 25.51
C LYS B 160 -3.00 -13.26 24.87
N VAL B 161 -2.88 -14.30 24.06
CA VAL B 161 -4.00 -15.00 23.40
C VAL B 161 -3.56 -16.44 23.25
N ASP B 162 -4.51 -17.36 23.11
CA ASP B 162 -4.13 -18.77 22.91
C ASP B 162 -3.80 -18.88 21.41
N LEU B 163 -2.54 -19.17 21.11
CA LEU B 163 -2.08 -19.31 19.72
C LEU B 163 -0.85 -20.20 19.76
N LYS B 164 -1.01 -21.40 19.22
CA LYS B 164 0.04 -22.43 19.15
C LYS B 164 0.53 -22.51 17.72
N ALA B 165 1.83 -22.36 17.48
CA ALA B 165 2.32 -22.47 16.12
C ALA B 165 2.28 -23.94 15.70
N ASP B 166 2.06 -24.20 14.42
CA ASP B 166 1.97 -25.55 13.92
C ASP B 166 3.37 -26.14 13.72
N TYR B 167 4.36 -25.28 13.48
CA TYR B 167 5.74 -25.69 13.25
C TYR B 167 6.62 -24.65 14.01
N VAL B 168 7.59 -25.13 14.78
CA VAL B 168 8.43 -24.31 15.60
C VAL B 168 9.85 -24.78 15.51
N GLY B 169 10.77 -23.84 15.33
CA GLY B 169 12.18 -24.17 15.29
C GLY B 169 12.77 -24.37 16.68
N PHE B 170 12.76 -23.31 17.48
CA PHE B 170 13.39 -23.33 18.78
C PHE B 170 12.56 -22.59 19.80
N THR B 171 12.46 -23.12 20.99
CA THR B 171 11.73 -22.43 22.03
C THR B 171 12.77 -21.60 22.72
N VAL B 172 12.50 -20.32 22.95
CA VAL B 172 13.51 -19.49 23.58
C VAL B 172 12.92 -18.92 24.87
N PRO B 173 13.80 -18.50 25.79
CA PRO B 173 13.28 -17.91 27.02
C PRO B 173 12.73 -16.52 26.75
N HIS B 174 12.22 -15.87 27.76
CA HIS B 174 11.69 -14.53 27.56
C HIS B 174 12.82 -13.52 27.72
N GLU B 175 13.72 -13.48 26.72
CA GLU B 175 14.86 -12.54 26.69
C GLU B 175 15.00 -11.96 25.28
N PHE B 176 15.45 -10.70 25.22
CA PHE B 176 15.60 -10.00 23.96
C PHE B 176 16.78 -10.48 23.12
N VAL B 177 16.52 -10.94 21.89
CA VAL B 177 17.59 -11.45 21.02
C VAL B 177 17.61 -10.71 19.68
N VAL B 178 18.73 -10.79 18.96
CA VAL B 178 18.88 -10.19 17.63
C VAL B 178 19.50 -11.19 16.67
N GLY B 179 19.51 -10.83 15.38
CA GLY B 179 20.09 -11.65 14.35
C GLY B 179 19.07 -12.46 13.56
N TYR B 180 19.49 -12.83 12.36
CA TYR B 180 18.71 -13.65 11.42
C TYR B 180 17.30 -13.13 11.22
N GLY B 181 17.23 -11.82 10.95
CA GLY B 181 15.97 -11.08 10.72
C GLY B 181 15.56 -10.17 11.87
N LEU B 182 15.94 -10.55 13.08
CA LEU B 182 15.64 -9.79 14.29
C LEU B 182 16.58 -8.61 14.46
N ASP B 183 16.00 -7.48 14.80
CA ASP B 183 16.76 -6.25 14.94
C ASP B 183 16.75 -5.66 16.36
N TYR B 184 17.70 -4.77 16.56
CA TYR B 184 17.74 -3.84 17.70
C TYR B 184 18.00 -2.51 17.00
N LYS B 185 17.00 -1.63 17.02
CA LYS B 185 17.02 -0.34 16.35
C LYS B 185 17.42 -0.45 14.87
N GLU B 186 16.77 -1.37 14.16
CA GLU B 186 16.98 -1.59 12.72
C GLU B 186 18.33 -2.24 12.29
N GLN B 187 19.23 -2.47 13.25
CA GLN B 187 20.51 -3.15 13.04
C GLN B 187 20.49 -4.62 13.46
N TYR B 188 21.49 -5.36 12.98
CA TYR B 188 21.71 -6.79 13.29
C TYR B 188 20.83 -7.81 12.53
N ARG B 189 19.88 -7.38 11.72
CA ARG B 189 19.06 -8.35 11.01
C ARG B 189 19.89 -9.28 10.13
N ASN B 190 21.01 -8.78 9.61
CA ASN B 190 21.88 -9.53 8.70
C ASN B 190 22.82 -10.55 9.31
N LEU B 191 22.87 -10.66 10.64
CA LEU B 191 23.67 -11.70 11.27
C LEU B 191 23.13 -13.06 10.87
N PRO B 192 24.03 -14.05 10.61
CA PRO B 192 23.63 -15.41 10.25
C PRO B 192 23.31 -16.33 11.44
N TYR B 193 23.25 -15.76 12.64
CA TYR B 193 22.90 -16.50 13.84
C TYR B 193 22.07 -15.58 14.70
N VAL B 194 21.49 -16.15 15.76
CA VAL B 194 20.69 -15.45 16.74
C VAL B 194 21.57 -15.32 17.98
N GLY B 195 21.76 -14.09 18.42
CA GLY B 195 22.58 -13.84 19.57
C GLY B 195 21.90 -12.93 20.58
N VAL B 196 22.60 -12.71 21.68
CA VAL B 196 22.11 -11.84 22.73
C VAL B 196 23.12 -10.73 22.83
N LEU B 197 22.63 -9.51 22.84
CA LEU B 197 23.47 -8.31 22.95
C LEU B 197 24.10 -8.09 24.29
N LYS B 198 25.31 -7.52 24.31
CA LYS B 198 25.95 -7.17 25.55
C LYS B 198 25.10 -6.06 26.15
N PRO B 199 24.98 -6.04 27.48
CA PRO B 199 24.19 -5.01 28.16
C PRO B 199 24.63 -3.59 27.82
N SER B 200 25.94 -3.40 27.69
CA SER B 200 26.50 -2.08 27.38
C SER B 200 26.07 -1.53 26.03
N VAL B 201 25.52 -2.39 25.17
CA VAL B 201 25.15 -1.95 23.83
C VAL B 201 23.83 -1.24 23.74
N TYR B 202 22.84 -1.68 24.52
CA TYR B 202 21.50 -1.08 24.40
C TYR B 202 21.17 0.16 25.21
N SER B 203 21.40 1.31 24.57
CA SER B 203 21.04 2.62 25.12
C SER B 203 19.75 2.96 24.38
N ASN B 204 18.66 3.06 25.15
CA ASN B 204 17.36 3.35 24.58
C ASN B 204 17.05 4.82 24.79
N ALA C 24 -18.68 18.80 -27.98
CA ALA C 24 -17.31 18.98 -27.41
C ALA C 24 -17.37 19.21 -25.89
N MET C 25 -18.57 19.21 -25.32
CA MET C 25 -18.76 19.40 -23.90
C MET C 25 -19.40 18.12 -23.41
N MET C 26 -19.23 17.83 -22.12
CA MET C 26 -19.75 16.60 -21.54
C MET C 26 -21.23 16.42 -21.68
N ASN C 27 -22.01 17.48 -21.49
CA ASN C 27 -23.46 17.33 -21.60
C ASN C 27 -23.89 16.72 -22.94
N GLN C 28 -23.11 16.98 -23.99
CA GLN C 28 -23.36 16.46 -25.35
C GLN C 28 -23.27 14.92 -25.43
N ASP C 29 -22.63 14.29 -24.43
CA ASP C 29 -22.50 12.83 -24.37
C ASP C 29 -23.61 12.24 -23.51
N ILE C 30 -24.42 13.09 -22.89
CA ILE C 30 -25.46 12.63 -21.98
C ILE C 30 -26.79 12.60 -22.66
N GLU C 31 -27.35 11.42 -22.71
CA GLU C 31 -28.60 11.23 -23.37
C GLU C 31 -29.73 11.75 -22.52
N LYS C 32 -29.57 11.66 -21.20
CA LYS C 32 -30.64 12.06 -20.31
C LYS C 32 -30.20 12.14 -18.86
N VAL C 33 -30.61 13.22 -18.20
CA VAL C 33 -30.37 13.40 -16.78
C VAL C 33 -31.40 12.61 -16.06
N LEU C 34 -30.95 11.62 -15.31
CA LEU C 34 -31.83 10.80 -14.52
C LEU C 34 -32.16 11.46 -13.20
N ILE C 35 -31.15 12.01 -12.54
CA ILE C 35 -31.33 12.66 -11.24
C ILE C 35 -30.57 13.96 -11.29
N SER C 36 -31.31 15.05 -11.20
CA SER C 36 -30.74 16.39 -11.29
C SER C 36 -29.98 16.84 -10.05
N GLU C 37 -29.11 17.82 -10.25
CA GLU C 37 -28.32 18.37 -9.18
C GLU C 37 -29.22 18.81 -8.04
N GLU C 38 -30.30 19.51 -8.38
CA GLU C 38 -31.27 19.96 -7.41
C GLU C 38 -31.88 18.79 -6.62
N GLN C 39 -32.28 17.72 -7.32
CA GLN C 39 -32.84 16.54 -6.62
C GLN C 39 -31.78 15.96 -5.66
N ILE C 40 -30.56 15.91 -6.13
CA ILE C 40 -29.46 15.40 -5.32
C ILE C 40 -29.19 16.27 -4.11
N GLN C 41 -29.10 17.59 -4.30
CA GLN C 41 -28.88 18.50 -3.16
C GLN C 41 -29.99 18.38 -2.12
N GLU C 42 -31.24 18.21 -2.57
CA GLU C 42 -32.34 18.06 -1.64
C GLU C 42 -32.26 16.75 -0.87
N LYS C 43 -31.93 15.67 -1.56
CA LYS C 43 -31.86 14.37 -0.90
C LYS C 43 -30.71 14.34 0.13
N VAL C 44 -29.60 14.96 -0.24
CA VAL C 44 -28.42 15.01 0.61
C VAL C 44 -28.69 15.78 1.89
N LEU C 45 -29.52 16.80 1.78
CA LEU C 45 -29.88 17.61 2.94
C LEU C 45 -30.71 16.76 3.92
N GLU C 46 -31.65 16.00 3.37
CA GLU C 46 -32.49 15.10 4.15
C GLU C 46 -31.66 13.98 4.79
N LEU C 47 -30.76 13.36 4.03
CA LEU C 47 -29.97 12.27 4.61
C LEU C 47 -29.05 12.80 5.69
N GLY C 48 -28.43 13.94 5.43
CA GLY C 48 -27.54 14.56 6.40
C GLY C 48 -28.18 14.81 7.76
N ALA C 49 -29.45 15.20 7.76
CA ALA C 49 -30.18 15.50 8.99
C ALA C 49 -30.48 14.23 9.77
N ILE C 50 -30.91 13.20 9.03
CA ILE C 50 -31.21 11.88 9.61
C ILE C 50 -29.94 11.33 10.24
N ILE C 51 -28.84 11.42 9.49
CA ILE C 51 -27.59 10.87 9.99
C ILE C 51 -27.11 11.67 11.18
N ALA C 52 -27.22 13.00 11.12
CA ALA C 52 -26.76 13.82 12.26
C ALA C 52 -27.49 13.40 13.53
N GLU C 53 -28.79 13.14 13.39
CA GLU C 53 -29.63 12.75 14.53
C GLU C 53 -29.32 11.35 15.04
N ASP C 54 -29.19 10.37 14.14
CA ASP C 54 -28.91 8.99 14.55
C ASP C 54 -27.58 8.84 15.29
N TYR C 55 -26.62 9.68 14.95
CA TYR C 55 -25.26 9.63 15.52
C TYR C 55 -24.91 10.79 16.45
N LYS C 56 -25.92 11.39 17.06
CA LYS C 56 -25.73 12.52 17.95
C LYS C 56 -24.85 12.23 19.16
N ASN C 57 -24.94 11.02 19.70
CA ASN C 57 -24.20 10.68 20.93
C ASN C 57 -22.72 10.36 20.87
N THR C 58 -22.28 9.76 19.77
CA THR C 58 -20.89 9.38 19.67
C THR C 58 -20.42 9.66 18.28
N VAL C 59 -19.16 10.06 18.18
CA VAL C 59 -18.57 10.39 16.89
C VAL C 59 -18.23 9.14 16.09
N PRO C 60 -18.94 8.93 14.98
CA PRO C 60 -18.62 7.74 14.23
C PRO C 60 -17.44 7.99 13.31
N LEU C 61 -16.98 6.89 12.71
CA LEU C 61 -15.91 6.94 11.70
C LEU C 61 -16.64 6.80 10.36
N ALA C 62 -16.62 7.86 9.54
CA ALA C 62 -17.30 7.87 8.24
C ALA C 62 -16.25 7.51 7.22
N ILE C 63 -16.50 6.42 6.51
CA ILE C 63 -15.54 5.90 5.60
C ILE C 63 -16.03 5.90 4.18
N GLY C 64 -15.18 6.41 3.30
CA GLY C 64 -15.45 6.44 1.87
C GLY C 64 -14.51 5.49 1.13
N VAL C 65 -15.08 4.74 0.21
CA VAL C 65 -14.30 3.82 -0.62
C VAL C 65 -13.95 4.53 -1.93
N LEU C 66 -12.68 4.78 -2.20
CA LEU C 66 -12.30 5.49 -3.40
C LEU C 66 -12.61 4.64 -4.64
N LYS C 67 -12.89 5.28 -5.77
CA LYS C 67 -12.94 6.72 -5.93
C LYS C 67 -14.35 7.32 -5.94
N GLY C 68 -15.32 6.52 -6.43
CA GLY C 68 -16.68 6.97 -6.68
C GLY C 68 -17.52 7.57 -5.57
N ALA C 69 -17.21 7.21 -4.34
CA ALA C 69 -18.00 7.73 -3.25
C ALA C 69 -17.63 9.14 -2.83
N MET C 70 -16.51 9.69 -3.33
N MET C 70 -16.49 9.66 -3.33
CA MET C 70 -16.03 10.99 -2.90
CA MET C 70 -16.01 10.97 -2.92
C MET C 70 -16.97 12.20 -3.00
C MET C 70 -17.03 12.11 -2.98
N PRO C 71 -17.59 12.40 -4.17
CA PRO C 71 -18.49 13.58 -4.22
C PRO C 71 -19.67 13.53 -3.27
N PHE C 72 -20.33 12.39 -3.20
CA PHE C 72 -21.48 12.23 -2.30
C PHE C 72 -21.09 12.35 -0.85
N MET C 73 -19.97 11.74 -0.48
CA MET C 73 -19.49 11.79 0.89
C MET C 73 -19.18 13.22 1.35
N ALA C 74 -18.53 13.98 0.47
CA ALA C 74 -18.20 15.37 0.80
C ALA C 74 -19.48 16.19 1.03
N ASP C 75 -20.46 16.07 0.14
CA ASP C 75 -21.66 16.90 0.27
C ASP C 75 -22.59 16.40 1.37
N LEU C 76 -22.61 15.08 1.59
CA LEU C 76 -23.44 14.50 2.63
C LEU C 76 -22.92 14.86 4.04
N LEU C 77 -21.62 14.79 4.23
CA LEU C 77 -21.09 15.04 5.54
C LEU C 77 -21.15 16.53 5.87
N LYS C 78 -21.00 17.34 4.84
CA LYS C 78 -21.09 18.77 4.95
C LYS C 78 -22.49 19.15 5.46
N ARG C 79 -23.49 18.31 5.18
CA ARG C 79 -24.88 18.55 5.60
C ARG C 79 -25.26 17.71 6.81
N THR C 80 -24.24 17.15 7.46
CA THR C 80 -24.37 16.29 8.63
C THR C 80 -23.75 17.04 9.80
N ASP C 81 -24.62 17.74 10.52
CA ASP C 81 -24.26 18.59 11.67
C ASP C 81 -24.00 17.79 12.95
N THR C 82 -22.90 17.07 12.99
CA THR C 82 -22.53 16.31 14.17
C THR C 82 -21.05 15.96 14.11
N TYR C 83 -20.48 15.68 15.27
CA TYR C 83 -19.08 15.31 15.35
C TYR C 83 -18.86 13.98 14.66
N LEU C 84 -17.89 13.96 13.76
CA LEU C 84 -17.52 12.74 13.06
C LEU C 84 -16.07 12.85 12.61
N GLU C 85 -15.50 11.68 12.31
CA GLU C 85 -14.16 11.56 11.80
C GLU C 85 -14.31 10.96 10.40
N MET C 86 -13.51 11.42 9.43
CA MET C 86 -13.59 10.88 8.08
C MET C 86 -12.37 10.06 7.81
N ASP C 87 -12.53 9.01 7.01
CA ASP C 87 -11.41 8.18 6.60
C ASP C 87 -11.74 7.59 5.22
N PHE C 88 -10.76 6.96 4.60
CA PHE C 88 -10.95 6.43 3.26
C PHE C 88 -10.18 5.12 3.07
N MET C 89 -10.73 4.27 2.22
CA MET C 89 -10.02 3.06 1.84
C MET C 89 -9.88 3.01 0.31
N ALA C 90 -8.85 2.30 -0.11
CA ALA C 90 -8.59 2.09 -1.53
C ALA C 90 -8.45 0.59 -1.63
N VAL C 91 -9.04 0.03 -2.67
CA VAL C 91 -9.02 -1.38 -2.88
C VAL C 91 -8.81 -1.68 -4.36
N SER C 92 -8.29 -2.88 -4.67
CA SER C 92 -8.18 -3.32 -6.09
C SER C 92 -8.67 -4.79 -6.24
N SER C 93 -9.09 -5.15 -7.45
CA SER C 93 -9.59 -6.49 -7.71
C SER C 93 -8.52 -7.56 -7.73
N TYR C 94 -8.85 -8.73 -7.24
CA TYR C 94 -7.96 -9.92 -7.32
C TYR C 94 -8.41 -10.81 -8.47
N GLY C 95 -9.44 -10.38 -9.19
CA GLY C 95 -9.99 -11.15 -10.30
C GLY C 95 -11.19 -11.96 -9.87
N HIS C 96 -11.15 -13.29 -10.06
CA HIS C 96 -12.34 -14.11 -9.77
C HIS C 96 -12.83 -14.04 -8.35
N SER C 97 -11.96 -14.12 -7.37
CA SER C 97 -12.44 -14.03 -5.98
C SER C 97 -13.20 -12.72 -5.69
N THR C 98 -12.83 -11.65 -6.37
CA THR C 98 -13.50 -10.36 -6.18
C THR C 98 -14.92 -10.48 -6.76
N VAL C 99 -14.98 -11.06 -7.96
CA VAL C 99 -16.22 -11.30 -8.67
C VAL C 99 -17.18 -12.27 -7.98
N SER C 100 -16.67 -13.20 -7.18
CA SER C 100 -17.56 -14.19 -6.55
C SER C 100 -17.67 -14.12 -5.03
N THR C 101 -16.77 -13.43 -4.36
CA THR C 101 -16.89 -13.32 -2.88
C THR C 101 -16.75 -11.89 -2.40
N GLY C 102 -16.34 -10.99 -3.30
CA GLY C 102 -16.14 -9.59 -2.92
C GLY C 102 -14.78 -9.29 -2.31
N GLU C 103 -13.97 -10.32 -2.08
CA GLU C 103 -12.62 -10.17 -1.53
C GLU C 103 -11.82 -9.30 -2.48
N VAL C 104 -11.19 -8.28 -1.90
CA VAL C 104 -10.42 -7.33 -2.62
C VAL C 104 -9.15 -7.07 -1.86
N LYS C 105 -8.16 -6.60 -2.61
CA LYS C 105 -6.85 -6.25 -2.11
C LYS C 105 -6.95 -4.86 -1.50
N ILE C 106 -6.54 -4.72 -0.24
CA ILE C 106 -6.55 -3.43 0.40
C ILE C 106 -5.28 -2.66 -0.01
N LEU C 107 -5.47 -1.53 -0.67
CA LEU C 107 -4.34 -0.72 -1.11
C LEU C 107 -4.07 0.38 -0.09
N LYS C 108 -5.13 0.81 0.59
CA LYS C 108 -5.00 1.80 1.64
C LYS C 108 -6.01 1.45 2.73
N ASP C 109 -5.50 1.13 3.92
CA ASP C 109 -6.35 0.74 5.05
C ASP C 109 -6.68 2.04 5.81
N LEU C 110 -7.57 1.92 6.79
CA LEU C 110 -7.99 3.04 7.59
C LEU C 110 -6.82 3.58 8.40
N ASP C 111 -6.85 4.88 8.62
CA ASP C 111 -5.81 5.56 9.37
C ASP C 111 -5.95 5.32 10.85
N THR C 112 -7.07 4.74 11.27
CA THR C 112 -7.28 4.49 12.68
C THR C 112 -7.95 3.13 12.83
N SER C 113 -7.92 2.59 14.05
CA SER C 113 -8.48 1.29 14.31
C SER C 113 -10.00 1.25 14.25
N VAL C 114 -10.54 0.08 13.93
CA VAL C 114 -11.97 -0.08 13.85
C VAL C 114 -12.60 -0.55 15.17
N GLU C 115 -11.84 -1.29 15.97
CA GLU C 115 -12.36 -1.89 17.21
C GLU C 115 -13.15 -0.90 18.06
N GLY C 116 -14.41 -1.23 18.33
CA GLY C 116 -15.24 -0.39 19.17
C GLY C 116 -15.82 0.87 18.55
N ARG C 117 -15.49 1.16 17.30
CA ARG C 117 -16.03 2.35 16.66
C ARG C 117 -17.32 2.06 15.93
N ASP C 118 -18.17 3.10 15.81
CA ASP C 118 -19.38 3.02 14.99
C ASP C 118 -18.92 3.42 13.61
N ILE C 119 -19.06 2.51 12.66
CA ILE C 119 -18.65 2.76 11.30
C ILE C 119 -19.81 3.13 10.39
N LEU C 120 -19.63 4.15 9.58
CA LEU C 120 -20.61 4.53 8.59
C LEU C 120 -19.93 4.54 7.22
N ILE C 121 -20.26 3.56 6.39
CA ILE C 121 -19.73 3.51 5.03
C ILE C 121 -20.58 4.30 4.05
N VAL C 122 -19.96 5.20 3.29
CA VAL C 122 -20.63 6.04 2.32
C VAL C 122 -20.28 5.52 0.93
N GLU C 123 -21.30 5.17 0.14
CA GLU C 123 -21.11 4.55 -1.17
C GLU C 123 -21.84 5.32 -2.28
N ASP C 124 -21.36 5.20 -3.51
CA ASP C 124 -22.00 5.85 -4.63
C ASP C 124 -23.14 4.97 -5.11
N ILE C 125 -22.85 3.70 -5.38
CA ILE C 125 -23.89 2.76 -5.79
C ILE C 125 -23.69 1.35 -5.24
N ILE C 126 -24.78 0.68 -4.85
CA ILE C 126 -24.67 -0.69 -4.46
C ILE C 126 -25.42 -1.49 -5.51
N ASP C 127 -24.72 -2.42 -6.15
CA ASP C 127 -25.32 -3.24 -7.19
C ASP C 127 -25.30 -4.71 -6.76
N SER C 128 -24.17 -5.39 -6.98
CA SER C 128 -24.04 -6.77 -6.53
C SER C 128 -23.92 -6.81 -5.02
N GLY C 129 -23.24 -5.79 -4.49
CA GLY C 129 -23.03 -5.65 -3.04
C GLY C 129 -21.93 -6.55 -2.53
N LEU C 130 -21.26 -7.23 -3.46
CA LEU C 130 -20.24 -8.21 -3.07
C LEU C 130 -19.08 -7.63 -2.27
N THR C 131 -18.39 -6.67 -2.84
CA THR C 131 -17.25 -6.06 -2.18
C THR C 131 -17.59 -5.31 -0.91
N LEU C 132 -18.74 -4.63 -0.92
CA LEU C 132 -19.19 -3.87 0.22
C LEU C 132 -19.54 -4.81 1.37
N SER C 133 -20.12 -5.96 1.05
CA SER C 133 -20.44 -6.96 2.06
C SER C 133 -19.11 -7.45 2.64
N TYR C 134 -18.11 -7.62 1.77
CA TYR C 134 -16.82 -8.08 2.22
C TYR C 134 -16.21 -7.07 3.21
N LEU C 135 -16.26 -5.78 2.87
CA LEU C 135 -15.73 -4.71 3.74
C LEU C 135 -16.57 -4.62 5.01
N VAL C 136 -17.89 -4.70 4.89
CA VAL C 136 -18.75 -4.68 6.10
C VAL C 136 -18.38 -5.79 7.07
N ASP C 137 -18.29 -7.02 6.58
CA ASP C 137 -17.94 -8.12 7.49
C ASP C 137 -16.47 -8.08 7.93
N LEU C 138 -15.64 -7.36 7.18
CA LEU C 138 -14.25 -7.18 7.60
C LEU C 138 -14.23 -6.27 8.84
N PHE C 139 -15.09 -5.25 8.84
CA PHE C 139 -15.16 -4.29 9.95
C PHE C 139 -15.74 -4.94 11.19
N LYS C 140 -16.71 -5.81 10.98
CA LYS C 140 -17.25 -6.61 12.09
C LYS C 140 -16.16 -7.59 12.57
N TYR C 141 -15.36 -8.16 11.67
CA TYR C 141 -14.26 -9.06 12.14
C TYR C 141 -13.30 -8.19 12.96
N ARG C 142 -13.12 -6.94 12.53
CA ARG C 142 -12.25 -6.00 13.29
C ARG C 142 -12.88 -5.45 14.59
N LYS C 143 -14.01 -6.02 14.99
CA LYS C 143 -14.69 -5.65 16.23
C LYS C 143 -15.31 -4.24 16.26
N ALA C 144 -15.88 -3.84 15.13
CA ALA C 144 -16.62 -2.57 15.02
C ALA C 144 -17.81 -2.62 15.97
N LYS C 145 -18.13 -1.50 16.60
CA LYS C 145 -19.28 -1.46 17.49
C LYS C 145 -20.56 -1.65 16.67
N SER C 146 -20.57 -1.13 15.45
CA SER C 146 -21.69 -1.25 14.54
C SER C 146 -21.20 -0.83 13.15
N VAL C 147 -21.89 -1.28 12.11
CA VAL C 147 -21.56 -0.90 10.75
C VAL C 147 -22.83 -0.60 10.00
N LYS C 148 -22.94 0.63 9.53
CA LYS C 148 -24.08 1.05 8.71
C LYS C 148 -23.59 1.60 7.39
N ILE C 149 -24.48 1.60 6.41
CA ILE C 149 -24.19 2.02 5.07
C ILE C 149 -25.20 3.09 4.60
N VAL C 150 -24.67 4.10 3.92
CA VAL C 150 -25.48 5.11 3.30
C VAL C 150 -25.01 5.10 1.86
N THR C 151 -25.94 4.96 0.93
CA THR C 151 -25.58 4.96 -0.46
C THR C 151 -26.44 5.97 -1.16
N LEU C 152 -25.87 6.61 -2.17
CA LEU C 152 -26.58 7.56 -2.99
C LEU C 152 -27.57 6.85 -3.90
N LEU C 153 -27.11 5.77 -4.52
CA LEU C 153 -27.93 4.99 -5.42
C LEU C 153 -27.97 3.55 -4.94
N ASP C 154 -29.09 2.91 -5.21
CA ASP C 154 -29.27 1.52 -4.86
C ASP C 154 -29.92 0.80 -6.03
N LYS C 155 -29.42 -0.39 -6.33
CA LYS C 155 -29.95 -1.23 -7.40
C LYS C 155 -30.10 -2.64 -6.83
N PRO C 156 -31.17 -2.87 -6.05
CA PRO C 156 -31.36 -4.18 -5.41
C PRO C 156 -31.58 -5.34 -6.36
N THR C 157 -32.07 -5.04 -7.55
CA THR C 157 -32.34 -6.07 -8.53
C THR C 157 -31.03 -6.72 -8.93
N GLY C 158 -29.91 -6.03 -8.66
CA GLY C 158 -28.60 -6.51 -9.03
C GLY C 158 -27.80 -7.28 -7.99
N ARG C 159 -28.35 -7.46 -6.79
CA ARG C 159 -27.67 -8.15 -5.69
C ARG C 159 -27.18 -9.58 -5.96
N LYS C 160 -26.00 -9.91 -5.42
CA LYS C 160 -25.44 -11.26 -5.52
C LYS C 160 -25.17 -11.77 -4.10
N VAL C 161 -25.62 -10.99 -3.12
CA VAL C 161 -25.52 -11.33 -1.71
C VAL C 161 -26.59 -10.47 -1.06
N ASP C 162 -27.10 -10.88 0.11
CA ASP C 162 -28.14 -10.11 0.83
C ASP C 162 -27.55 -8.96 1.66
N LEU C 163 -27.50 -7.78 1.06
CA LEU C 163 -26.96 -6.57 1.70
C LEU C 163 -27.94 -5.44 1.50
N LYS C 164 -28.45 -4.93 2.60
CA LYS C 164 -29.40 -3.82 2.58
C LYS C 164 -28.76 -2.57 3.16
N ALA C 165 -28.82 -1.46 2.41
CA ALA C 165 -28.30 -0.18 2.88
C ALA C 165 -29.18 0.31 3.99
N ASP C 166 -28.58 1.01 4.96
CA ASP C 166 -29.35 1.58 6.06
C ASP C 166 -29.96 2.92 5.59
N TYR C 167 -29.24 3.59 4.70
CA TYR C 167 -29.69 4.87 4.21
C TYR C 167 -29.49 4.87 2.71
N VAL C 168 -30.52 5.30 1.99
CA VAL C 168 -30.53 5.27 0.55
C VAL C 168 -31.02 6.56 -0.06
N GLY C 169 -30.24 7.09 -0.98
CA GLY C 169 -30.63 8.30 -1.71
C GLY C 169 -31.75 8.01 -2.71
N PHE C 170 -31.43 7.18 -3.72
CA PHE C 170 -32.38 6.85 -4.76
C PHE C 170 -32.22 5.39 -5.20
N THR C 171 -33.34 4.72 -5.47
CA THR C 171 -33.31 3.35 -5.97
C THR C 171 -33.36 3.45 -7.48
N VAL C 172 -32.50 2.72 -8.17
CA VAL C 172 -32.43 2.76 -9.60
C VAL C 172 -32.51 1.34 -10.22
N PRO C 173 -33.16 1.24 -11.38
CA PRO C 173 -33.31 -0.07 -12.04
C PRO C 173 -32.01 -0.66 -12.59
N HIS C 174 -31.06 0.16 -13.00
CA HIS C 174 -29.80 -0.36 -13.55
C HIS C 174 -28.64 0.55 -13.16
N GLU C 175 -27.41 0.06 -13.41
CA GLU C 175 -26.19 0.79 -13.02
C GLU C 175 -25.46 1.48 -14.16
N PHE C 176 -26.01 1.45 -15.37
CA PHE C 176 -25.38 2.09 -16.53
C PHE C 176 -25.64 3.61 -16.53
N VAL C 177 -25.00 4.28 -15.56
CA VAL C 177 -25.13 5.73 -15.34
C VAL C 177 -23.76 6.35 -14.97
N VAL C 178 -23.63 7.65 -15.17
CA VAL C 178 -22.40 8.35 -14.86
C VAL C 178 -22.74 9.62 -14.11
N GLY C 179 -21.71 10.23 -13.56
CA GLY C 179 -21.88 11.48 -12.86
C GLY C 179 -21.91 11.34 -11.35
N TYR C 180 -21.62 12.46 -10.72
CA TYR C 180 -21.60 12.58 -9.27
C TYR C 180 -20.82 11.42 -8.65
N GLY C 181 -19.63 11.19 -9.20
CA GLY C 181 -18.71 10.15 -8.72
C GLY C 181 -18.69 8.90 -9.58
N LEU C 182 -19.76 8.64 -10.32
CA LEU C 182 -19.82 7.44 -11.15
C LEU C 182 -19.13 7.72 -12.48
N ASP C 183 -18.27 6.81 -12.93
CA ASP C 183 -17.52 7.02 -14.15
C ASP C 183 -17.83 6.12 -15.36
N TYR C 184 -17.32 6.57 -16.51
CA TYR C 184 -17.19 5.74 -17.71
C TYR C 184 -15.73 5.97 -18.11
N LYS C 185 -14.97 4.89 -18.06
CA LYS C 185 -13.53 4.92 -18.36
C LYS C 185 -12.82 6.07 -17.63
N GLU C 186 -13.15 6.24 -16.35
CA GLU C 186 -12.56 7.23 -15.45
C GLU C 186 -12.98 8.69 -15.65
N GLN C 187 -13.84 8.93 -16.64
CA GLN C 187 -14.38 10.27 -16.90
C GLN C 187 -15.85 10.41 -16.44
N TYR C 188 -16.36 11.64 -16.43
CA TYR C 188 -17.73 11.95 -16.03
C TYR C 188 -17.98 11.98 -14.52
N ARG C 189 -16.98 11.67 -13.68
CA ARG C 189 -17.24 11.64 -12.24
C ARG C 189 -17.60 13.01 -11.71
N ASN C 190 -17.05 14.01 -12.37
CA ASN C 190 -17.26 15.39 -11.98
C ASN C 190 -18.62 16.00 -12.37
N LEU C 191 -19.49 15.32 -13.09
CA LEU C 191 -20.81 15.92 -13.37
C LEU C 191 -21.57 16.12 -12.05
N PRO C 192 -22.27 17.26 -11.89
CA PRO C 192 -23.03 17.50 -10.65
C PRO C 192 -24.39 16.79 -10.63
N TYR C 193 -24.70 15.98 -11.63
CA TYR C 193 -25.94 15.25 -11.66
C TYR C 193 -25.60 13.85 -12.09
N VAL C 194 -26.61 12.98 -12.13
CA VAL C 194 -26.47 11.59 -12.56
C VAL C 194 -27.20 11.43 -13.92
N GLY C 195 -26.46 10.96 -14.92
CA GLY C 195 -27.03 10.83 -16.26
C GLY C 195 -26.78 9.49 -16.91
N VAL C 196 -27.31 9.35 -18.11
CA VAL C 196 -27.16 8.16 -18.91
C VAL C 196 -26.43 8.54 -20.19
N LEU C 197 -25.38 7.81 -20.52
CA LEU C 197 -24.62 8.11 -21.72
C LEU C 197 -25.36 7.73 -22.98
N LYS C 198 -25.07 8.45 -24.05
CA LYS C 198 -25.66 8.15 -25.33
C LYS C 198 -24.90 6.91 -25.81
N PRO C 199 -25.58 6.05 -26.58
CA PRO C 199 -24.96 4.82 -27.05
C PRO C 199 -23.60 5.00 -27.72
N SER C 200 -23.44 6.05 -28.53
CA SER C 200 -22.20 6.26 -29.28
C SER C 200 -20.96 6.43 -28.41
N VAL C 201 -21.16 6.86 -27.18
CA VAL C 201 -20.03 7.07 -26.26
C VAL C 201 -19.29 5.76 -25.91
N TYR C 202 -20.03 4.66 -25.80
CA TYR C 202 -19.38 3.37 -25.53
C TYR C 202 -19.52 2.39 -26.73
N SER C 203 -19.77 2.93 -27.93
CA SER C 203 -19.96 2.14 -29.17
C SER C 203 -21.05 1.08 -29.03
N ALA D 24 -24.16 18.81 22.94
CA ALA D 24 -23.17 19.82 22.42
C ALA D 24 -23.09 19.78 20.90
N MET D 25 -23.19 20.94 20.25
CA MET D 25 -23.11 21.03 18.78
C MET D 25 -21.82 21.73 18.35
N MET D 26 -21.38 21.43 17.13
CA MET D 26 -20.14 21.97 16.59
C MET D 26 -20.03 23.49 16.56
N ASN D 27 -21.06 24.18 16.08
CA ASN D 27 -20.98 25.63 16.03
C ASN D 27 -20.62 26.19 17.40
N GLN D 28 -20.96 25.46 18.46
CA GLN D 28 -20.62 25.93 19.81
C GLN D 28 -19.11 25.92 20.09
N ASP D 29 -18.31 25.29 19.23
CA ASP D 29 -16.85 25.26 19.41
C ASP D 29 -16.14 26.29 18.52
N ILE D 30 -16.90 26.94 17.65
CA ILE D 30 -16.36 27.91 16.71
C ILE D 30 -16.44 29.34 17.23
N GLU D 31 -15.30 30.00 17.33
CA GLU D 31 -15.28 31.36 17.81
C GLU D 31 -15.73 32.32 16.74
N LYS D 32 -15.38 32.00 15.49
CA LYS D 32 -15.73 32.90 14.39
C LYS D 32 -15.63 32.17 13.06
N VAL D 33 -16.59 32.44 12.20
CA VAL D 33 -16.59 31.92 10.85
C VAL D 33 -15.71 32.85 10.03
N LEU D 34 -14.55 32.38 9.60
CA LEU D 34 -13.66 33.21 8.81
C LEU D 34 -14.07 33.30 7.33
N ILE D 35 -14.58 32.21 6.77
CA ILE D 35 -15.05 32.22 5.37
C ILE D 35 -16.35 31.43 5.38
N SER D 36 -17.46 32.09 5.03
CA SER D 36 -18.77 31.45 5.05
C SER D 36 -18.95 30.43 3.92
N GLU D 37 -19.97 29.58 4.05
CA GLU D 37 -20.27 28.59 2.99
C GLU D 37 -20.61 29.32 1.69
N GLU D 38 -21.43 30.36 1.80
CA GLU D 38 -21.78 31.14 0.63
C GLU D 38 -20.51 31.68 -0.08
N GLN D 39 -19.55 32.20 0.68
CA GLN D 39 -18.31 32.71 0.09
C GLN D 39 -17.54 31.56 -0.54
N ILE D 40 -17.50 30.43 0.13
CA ILE D 40 -16.82 29.24 -0.42
C ILE D 40 -17.49 28.82 -1.73
N GLN D 41 -18.82 28.66 -1.72
CA GLN D 41 -19.54 28.27 -2.94
C GLN D 41 -19.27 29.23 -4.11
N GLU D 42 -19.30 30.54 -3.86
CA GLU D 42 -19.07 31.50 -4.94
C GLU D 42 -17.67 31.37 -5.52
N LYS D 43 -16.67 31.22 -4.66
CA LYS D 43 -15.28 31.12 -5.12
C LYS D 43 -15.02 29.83 -5.89
N VAL D 44 -15.63 28.74 -5.46
CA VAL D 44 -15.50 27.45 -6.13
C VAL D 44 -16.15 27.46 -7.52
N LEU D 45 -17.22 28.26 -7.69
CA LEU D 45 -17.90 28.35 -8.96
C LEU D 45 -16.98 29.08 -9.93
N GLU D 46 -16.37 30.15 -9.41
CA GLU D 46 -15.41 30.95 -10.14
C GLU D 46 -14.20 30.12 -10.54
N LEU D 47 -13.57 29.46 -9.58
CA LEU D 47 -12.36 28.68 -9.88
C LEU D 47 -12.65 27.56 -10.89
N GLY D 48 -13.79 26.91 -10.76
CA GLY D 48 -14.17 25.83 -11.65
C GLY D 48 -14.33 26.26 -13.10
N ALA D 49 -14.88 27.45 -13.33
CA ALA D 49 -15.04 27.99 -14.68
C ALA D 49 -13.64 28.32 -15.25
N ILE D 50 -12.79 28.92 -14.43
CA ILE D 50 -11.41 29.25 -14.82
C ILE D 50 -10.62 27.98 -15.19
N ILE D 51 -10.68 26.97 -14.33
CA ILE D 51 -9.96 25.71 -14.62
C ILE D 51 -10.55 24.98 -15.81
N ALA D 52 -11.88 25.07 -15.95
CA ALA D 52 -12.57 24.43 -17.08
C ALA D 52 -12.06 25.02 -18.38
N GLU D 53 -11.89 26.34 -18.42
CA GLU D 53 -11.38 26.99 -19.63
C GLU D 53 -9.90 26.66 -19.89
N ASP D 54 -9.07 26.68 -18.84
CA ASP D 54 -7.63 26.42 -18.99
C ASP D 54 -7.30 25.04 -19.49
N TYR D 55 -8.13 24.06 -19.17
CA TYR D 55 -7.90 22.67 -19.59
C TYR D 55 -8.94 22.13 -20.56
N LYS D 56 -9.59 23.02 -21.31
CA LYS D 56 -10.65 22.61 -22.25
C LYS D 56 -10.21 21.59 -23.32
N ASN D 57 -8.95 21.67 -23.72
CA ASN D 57 -8.38 20.83 -24.78
C ASN D 57 -8.03 19.38 -24.41
N THR D 58 -7.37 19.21 -23.29
CA THR D 58 -6.94 17.88 -22.88
C THR D 58 -7.40 17.55 -21.47
N VAL D 59 -7.89 16.32 -21.31
CA VAL D 59 -8.34 15.79 -20.05
C VAL D 59 -7.20 15.65 -19.04
N PRO D 60 -7.15 16.51 -18.03
CA PRO D 60 -6.08 16.36 -17.03
C PRO D 60 -6.40 15.34 -15.95
N LEU D 61 -5.39 15.01 -15.16
CA LEU D 61 -5.57 14.10 -14.03
C LEU D 61 -5.64 14.99 -12.80
N ALA D 62 -6.83 15.08 -12.22
CA ALA D 62 -7.04 15.89 -11.01
C ALA D 62 -6.79 15.02 -9.80
N ILE D 63 -5.80 15.42 -9.03
CA ILE D 63 -5.36 14.66 -7.90
C ILE D 63 -5.52 15.37 -6.59
N GLY D 64 -6.05 14.66 -5.60
CA GLY D 64 -6.13 15.22 -4.26
C GLY D 64 -5.33 14.40 -3.25
N VAL D 65 -4.73 15.05 -2.28
CA VAL D 65 -4.04 14.32 -1.24
C VAL D 65 -4.97 14.21 -0.06
N LEU D 66 -5.25 12.98 0.33
CA LEU D 66 -6.11 12.72 1.46
C LEU D 66 -5.50 13.31 2.75
N LYS D 67 -6.32 13.71 3.72
CA LYS D 67 -7.77 13.65 3.64
C LYS D 67 -8.36 15.02 3.38
N GLY D 68 -7.60 16.04 3.78
CA GLY D 68 -8.08 17.43 3.79
C GLY D 68 -8.65 18.03 2.52
N ALA D 69 -8.08 17.66 1.40
CA ALA D 69 -8.48 18.19 0.11
C ALA D 69 -9.83 17.71 -0.39
N MET D 70 -10.35 16.63 0.21
N MET D 70 -10.35 16.64 0.20
CA MET D 70 -11.56 15.97 -0.28
CA MET D 70 -11.57 16.01 -0.32
C MET D 70 -12.82 16.84 -0.54
C MET D 70 -12.80 16.88 -0.55
N PRO D 71 -13.28 17.60 0.48
CA PRO D 71 -14.48 18.43 0.26
C PRO D 71 -14.37 19.49 -0.85
N PHE D 72 -13.26 20.22 -0.84
CA PHE D 72 -13.03 21.24 -1.83
C PHE D 72 -12.94 20.64 -3.23
N MET D 73 -12.22 19.52 -3.36
CA MET D 73 -12.02 18.83 -4.64
C MET D 73 -13.34 18.41 -5.23
N ALA D 74 -14.19 17.84 -4.38
CA ALA D 74 -15.51 17.40 -4.81
C ALA D 74 -16.33 18.57 -5.34
N ASP D 75 -16.36 19.69 -4.63
CA ASP D 75 -17.20 20.82 -5.08
C ASP D 75 -16.56 21.56 -6.21
N LEU D 76 -15.23 21.61 -6.22
CA LEU D 76 -14.54 22.31 -7.28
C LEU D 76 -14.75 21.60 -8.61
N LEU D 77 -14.49 20.30 -8.60
CA LEU D 77 -14.60 19.54 -9.81
C LEU D 77 -16.01 19.48 -10.31
N LYS D 78 -16.99 19.48 -9.42
CA LYS D 78 -18.36 19.42 -9.90
C LYS D 78 -18.75 20.73 -10.58
N ARG D 79 -17.99 21.79 -10.32
CA ARG D 79 -18.23 23.12 -10.92
C ARG D 79 -17.24 23.33 -12.08
N THR D 80 -16.57 22.26 -12.49
CA THR D 80 -15.61 22.30 -13.57
C THR D 80 -16.15 21.49 -14.76
N ASP D 81 -16.75 22.21 -15.71
CA ASP D 81 -17.38 21.61 -16.87
C ASP D 81 -16.41 21.31 -17.98
N THR D 82 -15.61 20.27 -17.77
CA THR D 82 -14.66 19.81 -18.77
C THR D 82 -14.22 18.38 -18.42
N TYR D 83 -13.86 17.64 -19.44
CA TYR D 83 -13.42 16.27 -19.25
C TYR D 83 -12.15 16.24 -18.40
N LEU D 84 -12.15 15.37 -17.39
CA LEU D 84 -11.02 15.15 -16.47
C LEU D 84 -11.18 13.79 -15.78
N GLU D 85 -10.09 13.33 -15.18
N GLU D 85 -10.09 13.31 -15.18
CA GLU D 85 -10.03 12.07 -14.46
CA GLU D 85 -10.08 12.05 -14.45
C GLU D 85 -9.68 12.47 -13.03
C GLU D 85 -9.59 12.38 -13.05
N MET D 86 -10.19 11.74 -12.05
CA MET D 86 -9.84 12.05 -10.69
C MET D 86 -8.97 10.96 -10.15
N ASP D 87 -8.10 11.32 -9.22
CA ASP D 87 -7.30 10.32 -8.55
C ASP D 87 -6.86 10.89 -7.20
N PHE D 88 -6.29 10.03 -6.37
CA PHE D 88 -5.91 10.42 -5.04
C PHE D 88 -4.66 9.76 -4.57
N MET D 89 -3.93 10.44 -3.69
CA MET D 89 -2.79 9.83 -3.06
C MET D 89 -2.96 9.93 -1.56
N ALA D 90 -2.26 9.05 -0.84
CA ALA D 90 -2.20 9.08 0.61
C ALA D 90 -0.71 8.92 0.94
N VAL D 91 -0.26 9.72 1.89
CA VAL D 91 1.15 9.74 2.28
C VAL D 91 1.21 9.89 3.77
N SER D 92 2.37 9.57 4.35
CA SER D 92 2.57 9.77 5.77
C SER D 92 3.99 10.31 6.01
N SER D 93 4.15 10.97 7.16
CA SER D 93 5.42 11.55 7.53
C SER D 93 6.49 10.53 7.87
N TYR D 94 7.73 10.88 7.58
CA TYR D 94 8.93 10.12 7.95
C TYR D 94 9.62 10.83 9.14
N GLY D 95 8.90 11.68 9.86
CA GLY D 95 9.51 12.44 10.96
C GLY D 95 10.23 13.65 10.42
N HIS D 96 11.52 13.78 10.71
CA HIS D 96 12.29 14.97 10.30
C HIS D 96 12.58 15.21 8.80
N SER D 97 12.80 14.20 7.97
CA SER D 97 13.04 14.46 6.52
C SER D 97 11.80 15.07 5.85
N THR D 98 10.64 14.86 6.48
CA THR D 98 9.37 15.42 6.03
C THR D 98 9.39 16.90 6.44
N VAL D 99 9.76 17.15 7.70
CA VAL D 99 9.96 18.51 8.25
C VAL D 99 11.40 18.94 7.91
N SER D 100 11.68 19.12 6.63
CA SER D 100 13.02 19.47 6.16
C SER D 100 13.04 19.51 4.64
N THR D 101 12.65 18.40 4.03
CA THR D 101 12.62 18.32 2.56
C THR D 101 11.24 18.10 2.02
N GLY D 102 10.31 17.65 2.86
CA GLY D 102 8.97 17.37 2.39
C GLY D 102 8.77 15.92 1.95
N GLU D 103 9.86 15.15 1.87
CA GLU D 103 9.78 13.72 1.55
C GLU D 103 8.80 13.02 2.51
N VAL D 104 7.88 12.28 1.94
CA VAL D 104 6.89 11.56 2.71
C VAL D 104 6.77 10.18 2.17
N LYS D 105 6.32 9.25 2.98
CA LYS D 105 6.10 7.88 2.56
C LYS D 105 4.82 7.83 1.74
N ILE D 106 4.87 7.23 0.54
CA ILE D 106 3.66 7.09 -0.27
C ILE D 106 2.88 5.85 0.22
N LEU D 107 1.67 6.09 0.71
CA LEU D 107 0.85 4.98 1.23
C LEU D 107 -0.01 4.45 0.10
N LYS D 108 -0.54 5.35 -0.70
CA LYS D 108 -1.30 4.96 -1.88
C LYS D 108 -0.86 5.87 -3.01
N ASP D 109 -0.37 5.27 -4.07
CA ASP D 109 0.11 5.97 -5.25
C ASP D 109 -1.12 6.13 -6.16
N LEU D 110 -0.94 6.85 -7.24
CA LEU D 110 -1.98 7.10 -8.21
C LEU D 110 -2.35 5.81 -8.93
N ASP D 111 -3.61 5.70 -9.34
CA ASP D 111 -4.12 4.53 -10.02
C ASP D 111 -3.62 4.48 -11.45
N THR D 112 -3.08 5.57 -11.98
CA THR D 112 -2.63 5.57 -13.36
C THR D 112 -1.30 6.30 -13.48
N SER D 113 -0.61 6.09 -14.61
CA SER D 113 0.72 6.69 -14.82
C SER D 113 0.70 8.21 -14.96
N VAL D 114 1.78 8.85 -14.53
CA VAL D 114 1.88 10.29 -14.65
C VAL D 114 2.50 10.74 -15.98
N GLU D 115 3.39 9.94 -16.56
CA GLU D 115 4.10 10.37 -17.78
C GLU D 115 3.20 10.92 -18.89
N GLY D 116 3.53 12.11 -19.39
CA GLY D 116 2.73 12.75 -20.46
C GLY D 116 1.36 13.29 -20.05
N ARG D 117 0.96 13.19 -18.79
CA ARG D 117 -0.35 13.71 -18.36
C ARG D 117 -0.21 15.12 -17.81
N ASP D 118 -1.29 15.90 -17.92
CA ASP D 118 -1.30 17.22 -17.30
C ASP D 118 -1.92 17.00 -15.96
N ILE D 119 -1.14 17.33 -14.93
CA ILE D 119 -1.54 17.10 -13.55
C ILE D 119 -2.07 18.37 -12.89
N LEU D 120 -3.15 18.23 -12.14
CA LEU D 120 -3.67 19.34 -11.39
C LEU D 120 -3.84 18.85 -9.94
N ILE D 121 -2.99 19.33 -9.03
CA ILE D 121 -3.11 18.97 -7.63
C ILE D 121 -4.13 19.88 -6.96
N VAL D 122 -5.09 19.26 -6.28
CA VAL D 122 -6.13 20.00 -5.58
C VAL D 122 -5.82 19.87 -4.09
N GLU D 123 -5.61 20.99 -3.41
CA GLU D 123 -5.23 21.04 -2.01
C GLU D 123 -6.19 21.90 -1.20
N ASP D 124 -6.24 21.68 0.12
CA ASP D 124 -7.08 22.47 1.01
C ASP D 124 -6.34 23.71 1.52
N ILE D 125 -5.08 23.55 1.93
CA ILE D 125 -4.25 24.67 2.38
C ILE D 125 -2.78 24.42 2.08
N ILE D 126 -2.05 25.50 1.75
CA ILE D 126 -0.60 25.45 1.56
C ILE D 126 0.03 26.41 2.56
N ASP D 127 0.82 25.87 3.45
CA ASP D 127 1.51 26.64 4.50
C ASP D 127 3.00 26.61 4.21
N SER D 128 3.73 25.61 4.72
CA SER D 128 5.17 25.53 4.47
C SER D 128 5.46 25.22 3.02
N GLY D 129 4.56 24.44 2.38
CA GLY D 129 4.71 24.09 1.00
C GLY D 129 5.67 22.94 0.74
N LEU D 130 6.29 22.42 1.80
CA LEU D 130 7.31 21.36 1.68
C LEU D 130 6.83 20.08 1.06
N THR D 131 5.83 19.43 1.67
CA THR D 131 5.34 18.16 1.14
C THR D 131 4.77 18.27 -0.28
N LEU D 132 4.07 19.36 -0.53
CA LEU D 132 3.44 19.58 -1.80
C LEU D 132 4.53 19.86 -2.88
N SER D 133 5.54 20.62 -2.52
CA SER D 133 6.69 20.83 -3.39
C SER D 133 7.33 19.48 -3.77
N TYR D 134 7.51 18.63 -2.76
CA TYR D 134 8.06 17.29 -2.96
C TYR D 134 7.23 16.46 -3.94
N LEU D 135 5.90 16.49 -3.77
CA LEU D 135 5.01 15.74 -4.66
C LEU D 135 5.04 16.33 -6.06
N VAL D 136 5.02 17.67 -6.17
CA VAL D 136 5.11 18.37 -7.46
C VAL D 136 6.33 17.93 -8.24
N ASP D 137 7.48 17.94 -7.58
CA ASP D 137 8.73 17.59 -8.27
C ASP D 137 8.82 16.11 -8.49
N LEU D 138 8.08 15.32 -7.70
CA LEU D 138 7.97 13.88 -7.92
C LEU D 138 7.24 13.68 -9.25
N PHE D 139 6.16 14.43 -9.48
CA PHE D 139 5.40 14.25 -10.72
C PHE D 139 6.20 14.67 -11.94
N LYS D 140 7.06 15.66 -11.77
CA LYS D 140 7.93 16.10 -12.86
C LYS D 140 9.01 15.00 -13.07
N TYR D 141 9.50 14.40 -11.97
CA TYR D 141 10.44 13.31 -12.12
C TYR D 141 9.73 12.21 -12.93
N ARG D 142 8.45 11.99 -12.65
CA ARG D 142 7.63 11.02 -13.40
C ARG D 142 7.19 11.48 -14.81
N LYS D 143 7.78 12.57 -15.27
CA LYS D 143 7.57 13.08 -16.63
C LYS D 143 6.15 13.57 -16.95
N ALA D 144 5.59 14.32 -16.01
CA ALA D 144 4.27 14.90 -16.20
C ALA D 144 4.42 15.92 -17.30
N LYS D 145 3.40 16.06 -18.13
CA LYS D 145 3.49 17.06 -19.19
C LYS D 145 3.52 18.46 -18.54
N SER D 146 2.74 18.61 -17.47
CA SER D 146 2.68 19.84 -16.67
C SER D 146 2.05 19.52 -15.30
N VAL D 147 2.38 20.36 -14.31
CA VAL D 147 1.82 20.23 -12.96
C VAL D 147 1.38 21.62 -12.50
N LYS D 148 0.14 21.73 -12.06
CA LYS D 148 -0.37 22.97 -11.50
C LYS D 148 -1.07 22.66 -10.21
N ILE D 149 -1.20 23.68 -9.38
CA ILE D 149 -1.85 23.56 -8.10
C ILE D 149 -3.04 24.50 -7.94
N VAL D 150 -4.14 23.98 -7.41
CA VAL D 150 -5.28 24.80 -7.02
C VAL D 150 -5.44 24.52 -5.52
N THR D 151 -5.39 25.55 -4.68
CA THR D 151 -5.59 25.35 -3.27
C THR D 151 -6.75 26.23 -2.80
N LEU D 152 -7.56 25.75 -1.88
CA LEU D 152 -8.68 26.52 -1.33
C LEU D 152 -8.16 27.69 -0.48
N LEU D 153 -7.19 27.38 0.37
CA LEU D 153 -6.57 28.38 1.20
C LEU D 153 -5.06 28.38 0.95
N ASP D 154 -4.46 29.57 1.01
CA ASP D 154 -3.02 29.74 0.88
C ASP D 154 -2.52 30.58 2.06
N LYS D 155 -1.37 30.19 2.63
CA LYS D 155 -0.75 30.94 3.72
C LYS D 155 0.72 31.17 3.35
N PRO D 156 0.97 32.17 2.49
CA PRO D 156 2.32 32.44 1.96
C PRO D 156 3.37 32.81 3.00
N THR D 157 2.96 33.45 4.08
CA THR D 157 3.92 33.80 5.11
C THR D 157 4.47 32.52 5.78
N GLY D 158 3.90 31.36 5.46
CA GLY D 158 4.37 30.12 6.06
C GLY D 158 5.42 29.37 5.29
N ARG D 159 5.67 29.76 4.03
CA ARG D 159 6.59 29.06 3.14
C ARG D 159 7.98 28.73 3.66
N LYS D 160 8.37 27.48 3.50
CA LYS D 160 9.71 27.01 3.84
C LYS D 160 10.45 26.60 2.56
N VAL D 161 9.78 26.78 1.42
CA VAL D 161 10.35 26.51 0.11
C VAL D 161 9.59 27.44 -0.82
N ASP D 162 10.17 27.73 -1.98
CA ASP D 162 9.48 28.55 -2.94
C ASP D 162 8.44 27.72 -3.70
N LEU D 163 7.18 27.91 -3.40
CA LEU D 163 6.09 27.20 -4.08
C LEU D 163 4.89 28.10 -4.22
N LYS D 164 4.53 28.44 -5.45
CA LYS D 164 3.36 29.27 -5.72
C LYS D 164 2.23 28.43 -6.33
N ALA D 165 1.02 28.61 -5.82
CA ALA D 165 -0.19 27.91 -6.34
C ALA D 165 -0.62 28.64 -7.58
N ASP D 166 -1.10 27.91 -8.60
CA ASP D 166 -1.54 28.57 -9.82
C ASP D 166 -2.94 29.14 -9.62
N TYR D 167 -3.74 28.52 -8.76
CA TYR D 167 -5.07 29.01 -8.50
C TYR D 167 -5.25 29.00 -6.98
N VAL D 168 -5.84 30.08 -6.48
CA VAL D 168 -6.05 30.26 -5.06
C VAL D 168 -7.45 30.78 -4.76
N GLY D 169 -8.09 30.14 -3.78
CA GLY D 169 -9.40 30.56 -3.36
C GLY D 169 -9.30 31.76 -2.43
N PHE D 170 -8.60 31.57 -1.31
CA PHE D 170 -8.43 32.60 -0.29
C PHE D 170 -7.04 32.59 0.37
N THR D 171 -6.46 33.79 0.51
CA THR D 171 -5.15 33.98 1.15
C THR D 171 -5.37 34.27 2.61
N VAL D 172 -4.88 33.39 3.46
CA VAL D 172 -5.14 33.51 4.89
C VAL D 172 -3.90 33.86 5.70
N PRO D 173 -4.09 34.56 6.83
CA PRO D 173 -2.94 34.94 7.68
C PRO D 173 -2.37 33.83 8.55
N HIS D 174 -3.19 32.85 8.93
CA HIS D 174 -2.68 31.76 9.76
C HIS D 174 -3.38 30.44 9.41
N GLU D 175 -2.78 29.33 9.85
CA GLU D 175 -3.32 27.99 9.55
C GLU D 175 -4.15 27.39 10.68
N PHE D 176 -4.44 28.17 11.75
CA PHE D 176 -5.21 27.63 12.87
C PHE D 176 -6.72 27.82 12.66
N VAL D 177 -7.23 27.09 11.67
CA VAL D 177 -8.64 27.09 11.30
C VAL D 177 -9.13 25.65 11.07
N VAL D 178 -10.44 25.47 11.10
CA VAL D 178 -11.02 24.15 10.87
C VAL D 178 -12.21 24.29 9.91
N GLY D 179 -12.66 23.17 9.41
CA GLY D 179 -13.76 23.11 8.49
C GLY D 179 -13.42 22.89 7.04
N TYR D 180 -14.46 22.49 6.32
CA TYR D 180 -14.37 22.26 4.88
C TYR D 180 -13.07 21.56 4.53
N GLY D 181 -12.82 20.47 5.24
CA GLY D 181 -11.65 19.64 5.02
C GLY D 181 -10.61 19.72 6.10
N LEU D 182 -10.49 20.89 6.72
CA LEU D 182 -9.50 21.09 7.79
C LEU D 182 -9.98 20.51 9.15
N ASP D 183 -9.11 19.77 9.83
CA ASP D 183 -9.47 19.13 11.09
C ASP D 183 -8.74 19.65 12.32
N TYR D 184 -9.30 19.25 13.46
CA TYR D 184 -8.64 19.42 14.74
C TYR D 184 -8.90 18.07 15.41
N LYS D 185 -7.84 17.27 15.54
CA LYS D 185 -7.95 15.96 16.13
C LYS D 185 -8.85 15.07 15.31
N GLU D 186 -8.78 15.22 13.98
CA GLU D 186 -9.58 14.44 13.03
C GLU D 186 -11.04 14.86 12.98
N GLN D 187 -11.44 15.82 13.79
CA GLN D 187 -12.82 16.27 13.73
C GLN D 187 -12.94 17.60 13.00
N TYR D 188 -14.18 18.03 12.79
CA TYR D 188 -14.49 19.33 12.15
C TYR D 188 -14.28 19.43 10.61
N ARG D 189 -13.77 18.38 9.96
CA ARG D 189 -13.57 18.45 8.50
C ARG D 189 -14.90 18.64 7.76
N ASN D 190 -15.98 18.22 8.42
CA ASN D 190 -17.30 18.25 7.82
C ASN D 190 -18.07 19.59 7.88
N LEU D 191 -17.51 20.58 8.59
CA LEU D 191 -18.13 21.91 8.63
C LEU D 191 -18.23 22.46 7.19
N PRO D 192 -19.37 23.08 6.84
CA PRO D 192 -19.56 23.63 5.48
C PRO D 192 -18.88 24.97 5.25
N TYR D 193 -18.19 25.48 6.26
CA TYR D 193 -17.49 26.77 6.17
C TYR D 193 -16.15 26.57 6.86
N VAL D 194 -15.31 27.61 6.85
CA VAL D 194 -13.99 27.58 7.50
C VAL D 194 -14.05 28.50 8.70
N GLY D 195 -13.73 27.97 9.88
CA GLY D 195 -13.77 28.77 11.10
C GLY D 195 -12.59 28.62 12.03
N VAL D 196 -12.59 29.42 13.09
CA VAL D 196 -11.56 29.34 14.11
C VAL D 196 -12.18 28.78 15.36
N LEU D 197 -11.47 27.87 16.00
CA LEU D 197 -11.94 27.24 17.23
C LEU D 197 -11.79 28.17 18.42
N LYS D 198 -12.64 27.97 19.42
CA LYS D 198 -12.54 28.70 20.66
C LYS D 198 -11.30 28.14 21.36
N PRO D 199 -10.58 28.98 22.11
CA PRO D 199 -9.39 28.48 22.78
C PRO D 199 -9.53 27.24 23.66
N SER D 200 -10.64 27.10 24.40
CA SER D 200 -10.79 25.96 25.31
C SER D 200 -10.88 24.62 24.59
N VAL D 201 -11.16 24.65 23.29
CA VAL D 201 -11.26 23.41 22.54
C VAL D 201 -9.91 22.72 22.46
N TYR D 202 -8.84 23.50 22.24
CA TYR D 202 -7.50 22.91 22.11
C TYR D 202 -6.57 23.20 23.31
N SER D 203 -7.05 23.96 24.30
CA SER D 203 -6.24 24.26 25.48
C SER D 203 -7.08 24.42 26.74
C1 GLC E . 33.16 -9.73 -12.15
C2 GLC E . 32.89 -10.20 -13.57
C3 GLC E . 33.10 -11.70 -13.75
C4 GLC E . 34.54 -11.98 -13.34
C5 GLC E . 34.80 -11.49 -11.94
C6 GLC E . 36.26 -11.85 -11.61
O2 GLC E . 31.57 -9.85 -13.92
O3 GLC E . 32.85 -12.13 -15.10
O4 GLC E . 34.76 -13.38 -13.42
O5 GLC E . 34.51 -10.08 -11.76
O6 GLC E . 36.80 -10.82 -10.74
C1 FRU E . 30.72 -8.55 -10.72
C2 FRU E . 31.71 -9.57 -10.20
C3 FRU E . 31.10 -10.47 -9.12
C4 FRU E . 32.30 -10.78 -8.24
C5 FRU E . 33.03 -9.44 -8.26
C6 FRU E . 34.55 -9.51 -8.17
O1 FRU E . 30.22 -7.75 -9.66
O2 FRU E . 32.20 -10.36 -11.29
O3 FRU E . 30.49 -11.64 -9.67
O4 FRU E . 31.95 -11.16 -6.88
O5 FRU E . 32.74 -8.88 -9.54
O6 FRU E . 35.04 -8.19 -7.91
C1 GLC F . -37.06 5.80 -6.42
C1 GLC F . -36.24 6.44 -6.86
C2 GLC F . -37.30 4.83 -5.25
C2 GLC F . -37.32 5.37 -6.93
C3 GLC F . -37.94 5.42 -4.00
C3 GLC F . -38.42 5.68 -5.92
C4 GLC F . -37.45 6.83 -3.73
C4 GLC F . -37.87 5.91 -4.52
C5 GLC F . -37.62 7.67 -4.99
C5 GLC F . -36.56 6.72 -4.46
C6 GLC F . -37.28 9.14 -4.74
C6 GLC F . -35.85 6.40 -3.15
O2 GLC F . -38.11 3.72 -5.68
O2 GLC F . -37.86 5.29 -8.26
O3 GLC F . -37.64 4.59 -2.87
O3 GLC F . -39.36 4.58 -5.89
O4 GLC F . -38.18 7.40 -2.64
O4 GLC F . -38.85 6.62 -3.75
O5 GLC F . -36.77 7.13 -5.99
O5 GLC F . -35.67 6.45 -5.55
O6 GLC F . -36.21 9.27 -3.79
O6 GLC F . -35.45 7.60 -2.48
C1 FRU F . -37.69 3.81 -8.70
C1 FRU F . -36.66 6.45 -9.31
C2 FRU F . -37.77 5.34 -8.67
C2 FRU F . -37.03 7.78 -8.65
C3 FRU F . -38.75 5.82 -9.73
C3 FRU F . -38.49 8.13 -8.94
C4 FRU F . -38.00 6.84 -10.57
C4 FRU F . -38.48 9.53 -9.53
C5 FRU F . -36.53 6.65 -10.20
C5 FRU F . -37.00 9.92 -9.64
C6 FRU F . -35.82 7.99 -10.00
C6 FRU F . -36.65 11.09 -8.75
O1 FRU F . -36.65 3.40 -9.61
O1 FRU F . -35.77 6.67 -10.41
O2 FRU F . -38.15 5.78 -7.35
O2 FRU F . -36.79 7.71 -7.25
O3 FRU F . -39.94 6.40 -9.14
O3 FRU F . -39.29 8.11 -7.75
O4 FRU F . -38.19 6.59 -11.96
O4 FRU F . -39.12 9.53 -10.81
O5 FRU F . -36.49 5.89 -9.00
O5 FRU F . -36.22 8.80 -9.23
O6 FRU F . -34.85 8.17 -11.05
O6 FRU F . -36.55 10.60 -7.40
C1 GLC G . -7.27 38.93 1.06
C1 GLC G . -8.17 36.85 1.11
C2 GLC G . -6.83 40.04 0.10
C2 GLC G . -8.45 38.30 0.76
C3 GLC G . -7.88 40.27 -0.98
C3 GLC G . -7.60 38.76 -0.43
C4 GLC G . -8.24 38.96 -1.68
C4 GLC G . -7.67 37.71 -1.55
C5 GLC G . -8.56 37.85 -0.68
C5 GLC G . -8.73 36.67 -1.23
C6 GLC G . -8.72 36.53 -1.42
C6 GLC G . -8.83 35.69 -2.40
O2 GLC G . -6.63 41.25 0.83
O2 GLC G . -9.84 38.47 0.49
O3 GLC G . -7.37 41.19 -1.95
O3 GLC G . -6.24 38.92 -0.03
O4 GLC G . -9.39 39.17 -2.51
O4 GLC G . -7.99 38.33 -2.80
O5 GLC G . -7.53 37.75 0.31
O5 GLC G . -8.40 35.99 -0.01
O6 GLC G . -8.17 36.64 -2.75
O6 GLC G . -10.18 35.24 -2.55
C1 FRU G . -6.74 40.50 3.08
C1 FRU G . -7.43 38.08 3.07
C2 FRU G . -8.12 39.84 3.09
C2 FRU G . -8.61 37.19 3.40
C3 FRU G . -9.18 40.83 3.56
C3 FRU G . -9.78 38.02 3.96
C4 FRU G . -9.68 40.30 4.90
C4 FRU G . -10.09 37.48 5.34
C5 FRU G . -8.92 39.00 5.15
C5 FRU G . -9.08 36.37 5.58
C6 FRU G . -9.86 37.83 5.42
C6 FRU G . -9.79 35.05 5.83
O1 FRU G . -5.72 39.52 2.82
O1 FRU G . -7.79 39.46 3.28
O2 FRU G . -8.43 39.36 1.77
O2 FRU G . -9.00 36.49 2.22
O3 FRU G . -10.25 40.92 2.62
O3 FRU G . -10.91 37.94 3.11
O4 FRU G . -9.42 41.24 5.94
O4 FRU G . -9.99 38.49 6.34
O5 FRU G . -8.11 38.74 4.00
O5 FRU G . -8.26 36.26 4.42
O6 FRU G . -9.82 37.49 6.81
O6 FRU G . -11.19 35.31 5.96
P PO4 H . 8.51 -10.39 -9.16
O1 PO4 H . 8.15 -11.69 -9.81
O2 PO4 H . 8.34 -9.24 -10.11
O3 PO4 H . 7.59 -10.16 -8.01
O4 PO4 H . 9.91 -10.48 -8.64
P PO4 I . 16.60 -14.46 -22.91
O1 PO4 I . 15.63 -15.41 -23.58
O2 PO4 I . 17.17 -13.47 -23.89
O3 PO4 I . 15.89 -13.68 -21.84
O4 PO4 I . 17.68 -15.29 -22.27
P PO4 J . 10.26 -32.63 -22.31
O1 PO4 J . 8.90 -31.98 -22.20
O2 PO4 J . 11.33 -31.58 -22.17
O3 PO4 J . 10.42 -33.67 -21.23
O4 PO4 J . 10.37 -33.28 -23.67
P PO4 K . 16.15 4.24 11.45
O1 PO4 K . 15.23 3.68 10.40
O2 PO4 K . 15.81 5.71 11.59
O3 PO4 K . 15.98 3.54 12.79
O4 PO4 K . 17.57 4.08 11.00
P 5GP L . 13.52 -5.97 -16.41
O1P 5GP L . 14.85 -5.36 -16.03
O2P 5GP L . 12.30 -5.28 -15.88
O3P 5GP L . 13.41 -6.39 -17.87
O5' 5GP L . 13.63 -7.40 -15.71
C5' 5GP L . 12.90 -7.74 -14.54
C4' 5GP L . 12.07 -8.96 -14.89
O4' 5GP L . 12.51 -9.63 -16.09
C3' 5GP L . 12.16 -9.99 -13.78
O3' 5GP L . 11.08 -9.89 -12.86
C2' 5GP L . 12.12 -11.32 -14.50
O2' 5GP L . 10.99 -12.07 -14.08
C1' 5GP L . 12.13 -11.01 -16.01
N9 5GP L . 13.07 -11.95 -16.68
C8 5GP L . 13.99 -11.75 -17.65
N7 5GP L . 14.63 -12.91 -17.93
C5 5GP L . 14.07 -13.87 -17.13
C6 5GP L . 14.29 -15.21 -16.90
O6 5GP L . 15.15 -15.85 -17.59
N1 5GP L . 13.55 -15.85 -15.97
C2 5GP L . 12.62 -15.24 -15.24
N2 5GP L . 11.87 -15.90 -14.30
N3 5GP L . 12.41 -13.93 -15.43
C4 5GP L . 13.11 -13.24 -16.36
MG MG M . 11.61 -3.39 -16.33
P PO4 N . 9.82 -6.10 12.11
O1 PO4 N . 9.44 -5.36 10.89
O2 PO4 N . 11.01 -5.41 12.73
O3 PO4 N . 8.63 -6.13 13.04
O4 PO4 N . 10.23 -7.49 11.76
P PO4 O . 35.16 -9.26 21.61
O1 PO4 O . 34.17 -9.81 20.62
O2 PO4 O . 35.55 -7.86 21.22
O3 PO4 O . 34.54 -9.24 22.99
O4 PO4 O . 36.37 -10.16 21.59
P PO4 P . 27.74 3.41 11.21
O1 PO4 P . 27.50 4.21 9.96
O2 PO4 P . 29.08 3.81 11.79
O3 PO4 P . 26.64 3.68 12.23
O4 PO4 P . 27.77 1.93 10.88
P 5GP Q . 3.94 -10.61 19.26
O1P 5GP Q . 3.93 -12.11 19.03
O2P 5GP Q . 3.17 -9.81 18.24
O3P 5GP Q . 3.72 -10.19 20.69
O5' 5GP Q . 5.45 -10.17 19.03
C5' 5GP Q . 6.19 -10.75 17.96
C4' 5GP Q . 7.11 -9.65 17.44
O4' 5GP Q . 7.72 -8.98 18.56
C3' 5GP Q . 8.26 -10.16 16.59
O3' 5GP Q . 7.95 -10.28 15.21
C2' 5GP Q . 9.34 -9.13 16.85
O2' 5GP Q . 9.16 -8.02 16.01
C1' 5GP Q . 9.09 -8.67 18.28
N9 5GP Q . 9.98 -9.41 19.21
C8 5GP Q . 9.59 -10.22 20.22
N7 5GP Q . 10.68 -10.71 20.83
C5 5GP Q . 11.77 -10.19 20.23
C6 5GP Q . 13.13 -10.34 20.42
O6 5GP Q . 13.54 -11.12 21.35
N1 5GP Q . 13.98 -9.69 19.61
C2 5GP Q . 13.53 -8.88 18.63
N2 5GP Q . 14.39 -8.22 17.83
N3 5GP Q . 12.20 -8.73 18.41
C4 5GP Q . 11.31 -9.38 19.20
C1 GOL R . 32.85 -6.68 26.86
C1 GOL R . 31.24 -5.58 27.31
O1 GOL R . 33.70 -6.19 25.85
O1 GOL R . 32.20 -5.90 26.31
C2 GOL R . 32.09 -5.51 27.50
C2 GOL R . 30.49 -6.83 27.78
O2 GOL R . 32.00 -4.45 26.58
O2 GOL R . 31.38 -7.94 27.83
C3 GOL R . 30.70 -5.95 27.96
C3 GOL R . 29.86 -6.56 29.14
O3 GOL R . 30.16 -5.07 28.93
O3 GOL R . 28.79 -5.66 29.02
MG MG S . 1.35 -8.67 18.56
P PO4 T . -11.58 -23.51 10.68
O1 PO4 T . -12.78 -23.22 11.56
O2 PO4 T . -10.30 -23.45 11.49
O3 PO4 T . -11.71 -24.89 10.08
O4 PO4 T . -11.51 -22.43 9.60
P PO4 U . -14.66 3.29 -8.35
O1 PO4 U . -15.12 3.74 -9.70
O2 PO4 U . -13.28 3.82 -8.11
O3 PO4 U . -15.64 3.76 -7.34
O4 PO4 U . -14.68 1.79 -8.28
P PO4 V . -21.11 -3.60 -6.85
O1 PO4 V . -21.59 -4.48 -7.98
O2 PO4 V . -20.70 -2.27 -7.44
O3 PO4 V . -22.21 -3.39 -5.83
O4 PO4 V . -19.93 -4.23 -6.13
P PO4 W . -4.67 15.76 6.32
O1 PO4 W . -5.13 14.37 5.96
O2 PO4 W . -5.24 16.68 5.28
O3 PO4 W . -5.25 16.03 7.68
O4 PO4 W . -3.17 15.88 6.32
P PO4 X . 2.13 22.44 4.68
O1 PO4 X . 2.17 23.20 3.35
O2 PO4 X . 2.98 23.16 5.70
O3 PO4 X . 0.72 22.33 5.19
O4 PO4 X . 2.68 21.06 4.44
P PO4 Y . -23.55 23.03 -3.16
O1 PO4 Y . -23.51 22.59 -4.60
O2 PO4 Y . -23.18 24.49 -3.11
O3 PO4 Y . -24.93 22.90 -2.57
O4 PO4 Y . -22.57 22.18 -2.37
#